data_6TEZ
#
_entry.id   6TEZ
#
_cell.length_a   98.001
_cell.length_b   99.770
_cell.length_c   224.461
_cell.angle_alpha   90.000
_cell.angle_beta   90.000
_cell.angle_gamma   90.000
#
_symmetry.space_group_name_H-M   'C 2 2 21'
#
loop_
_entity.id
_entity.type
_entity.pdbx_description
1 polymer 'Multifunctional procollagen lysine hydroxylase and glycosyltransferase LH3'
2 branched 2-acetamido-2-deoxy-beta-D-glucopyranose-(1-4)-2-acetamido-2-deoxy-beta-D-glucopyranose
3 non-polymer "URIDINE-5'-DIPHOSPHATE-GLUCURONIC ACID"
4 non-polymer GLYCEROL
5 non-polymer '2-OXOGLUTARIC ACID'
6 non-polymer 'FE (II) ION'
7 non-polymer 'MANGANESE (II) ION'
8 non-polymer 2-acetamido-2-deoxy-beta-D-glucopyranose
9 water water
#
_entity_poly.entity_id   1
_entity_poly.type   'polypeptide(L)'
_entity_poly.pdbx_seq_one_letter_code
;SSDRPRGRDPVNPEKLLVITVATAETEGYLRFLRSAEFFNYTVRTLGLGEEWRGGDKARTVGGGQKVRWLKKEMEKYADR
EDMIIMFVDSYDVILAGSPTELLKKFVQSGSRLLFSAESFCWPEWGLAEQYPEVGTGKRFLNSGGFIGFATTIHQIVRQW
KYKDDDDDQLFYTRLYLDPGLREKLSLNLDHKSRIFQNLNGALDEVVLKFDRNRVRIRNVAYDTLPIVVHGNGPTKLQLN
YLGNYVPNGWTPEGGCGFCNQDRRTLPGGQPPPRVFLAVFVEQPTPFLPRFLQRLLLLDYPPDRVTLFLHNNEVFHEPHI
ADSWPQLQDHFSAVKLVGPEEALSPGEARDMAMDLCRQDPECEFYFSLDADAVLTNLQTLRILIEENRKVIAPMLSRHGK
LWSNFWGALSPDEYYARSEDYVELVQRKRVGVWNVPYISQAYVIRGDTLRMELPQRDVFSGSDTDPDMAFCKSFRDKGIF
LHLSNQHEFGRLLATSRYDTEHLHPDLWQIFDNPVDWKEQYIHENYSRALEGEGIVEQPCPDVYWFPLLSEQMCDELVAE
MEHYGQWSGGRHEDSRLAGGYENVPTVDIHMKQVGYEDQWLQLLRTYVGPMTESLFPGYHTKARAVMNFVVRYRPDEQPS
LRPHHDSSTFTLNVALNHKGLDYEGGGCRFLRYDCVISSPRKGWALLHPGRLTHYHEGLPTTWGTRYIMVSFVDPAAA
;
_entity_poly.pdbx_strand_id   A
#
loop_
_chem_comp.id
_chem_comp.type
_chem_comp.name
_chem_comp.formula
AKG non-polymer '2-OXOGLUTARIC ACID' 'C5 H6 O5'
FE2 non-polymer 'FE (II) ION' 'Fe 2'
GOL non-polymer GLYCEROL 'C3 H8 O3'
MN non-polymer 'MANGANESE (II) ION' 'Mn 2'
NAG D-saccharide, beta linking 2-acetamido-2-deoxy-beta-D-glucopyranose 'C8 H15 N O6'
UGA non-polymer 'URIDINE-5'-DIPHOSPHATE-GLUCURONIC ACID' 'C15 H22 N2 O18 P2'
#
# COMPACT_ATOMS: atom_id res chain seq x y z
N PRO A 10 -4.66 36.10 -35.14
CA PRO A 10 -4.86 35.39 -33.87
C PRO A 10 -6.30 35.41 -33.40
N VAL A 11 -6.93 34.24 -33.29
CA VAL A 11 -8.29 34.16 -32.79
C VAL A 11 -8.30 34.48 -31.30
N ASN A 12 -9.16 35.41 -30.91
CA ASN A 12 -9.27 35.81 -29.51
C ASN A 12 -9.65 34.60 -28.66
N PRO A 13 -8.86 34.25 -27.64
CA PRO A 13 -9.25 33.13 -26.76
C PRO A 13 -10.62 33.31 -26.11
N GLU A 14 -11.13 34.54 -26.04
CA GLU A 14 -12.46 34.77 -25.49
C GLU A 14 -13.55 34.30 -26.45
N LYS A 15 -13.25 34.14 -27.73
CA LYS A 15 -14.20 33.59 -28.68
C LYS A 15 -14.26 32.07 -28.67
N LEU A 16 -13.40 31.42 -27.90
CA LEU A 16 -13.40 29.97 -27.80
C LEU A 16 -14.31 29.54 -26.66
N LEU A 17 -15.20 28.59 -26.94
CA LEU A 17 -16.07 27.99 -25.94
C LEU A 17 -15.96 26.47 -26.03
N VAL A 18 -15.73 25.83 -24.88
CA VAL A 18 -15.69 24.38 -24.79
C VAL A 18 -17.03 23.90 -24.25
N ILE A 19 -17.69 23.03 -24.99
CA ILE A 19 -18.98 22.46 -24.60
C ILE A 19 -18.76 20.98 -24.34
N THR A 20 -19.31 20.48 -23.23
CA THR A 20 -19.23 19.08 -22.89
C THR A 20 -20.55 18.64 -22.28
N VAL A 21 -20.71 17.33 -22.13
CA VAL A 21 -21.92 16.71 -21.60
C VAL A 21 -21.57 15.99 -20.31
N ALA A 22 -22.47 16.07 -19.34
CA ALA A 22 -22.28 15.43 -18.04
C ALA A 22 -23.58 15.43 -17.23
N THR A 23 -24.08 14.25 -16.86
CA THR A 23 -25.29 14.16 -16.06
C THR A 23 -25.02 14.20 -14.56
N ALA A 24 -23.77 14.04 -14.14
CA ALA A 24 -23.43 14.11 -12.73
C ALA A 24 -22.01 14.60 -12.58
N GLU A 25 -21.70 15.13 -11.40
CA GLU A 25 -20.36 15.63 -11.11
C GLU A 25 -19.49 14.51 -10.54
N THR A 26 -19.26 13.50 -11.40
CA THR A 26 -18.36 12.42 -11.07
C THR A 26 -16.93 12.93 -10.98
N GLU A 27 -16.07 12.12 -10.37
CA GLU A 27 -14.67 12.50 -10.20
C GLU A 27 -14.00 12.75 -11.54
N GLY A 28 -14.36 11.97 -12.56
CA GLY A 28 -13.79 12.20 -13.89
C GLY A 28 -14.19 13.53 -14.47
N TYR A 29 -15.46 13.92 -14.30
CA TYR A 29 -15.90 15.23 -14.76
C TYR A 29 -15.19 16.34 -13.99
N LEU A 30 -15.13 16.21 -12.67
CA LEU A 30 -14.40 17.18 -11.87
C LEU A 30 -12.93 17.23 -12.26
N ARG A 31 -12.33 16.07 -12.54
CA ARG A 31 -10.96 16.04 -13.03
C ARG A 31 -10.83 16.81 -14.33
N PHE A 32 -11.82 16.69 -15.20
CA PHE A 32 -11.80 17.43 -16.46
C PHE A 32 -11.84 18.94 -16.20
N LEU A 33 -12.77 19.38 -15.33
CA LEU A 33 -12.91 20.81 -15.05
C LEU A 33 -11.62 21.39 -14.49
N ARG A 34 -10.98 20.68 -13.56
CA ARG A 34 -9.73 21.16 -12.98
C ARG A 34 -8.70 21.44 -14.06
N SER A 35 -8.58 20.53 -15.03
CA SER A 35 -7.64 20.75 -16.13
C SER A 35 -8.08 21.93 -16.99
N ALA A 36 -9.39 22.11 -17.15
CA ALA A 36 -9.88 23.25 -17.93
C ALA A 36 -9.67 24.56 -17.18
N GLU A 37 -9.94 24.57 -15.88
CA GLU A 37 -9.72 25.77 -15.08
C GLU A 37 -8.24 26.13 -15.02
N PHE A 38 -7.36 25.13 -15.14
CA PHE A 38 -5.93 25.40 -15.09
C PHE A 38 -5.45 26.20 -16.28
N PHE A 39 -6.09 26.04 -17.44
CA PHE A 39 -5.73 26.79 -18.64
C PHE A 39 -6.67 27.96 -18.90
N ASN A 40 -7.61 28.24 -18.00
CA ASN A 40 -8.56 29.33 -18.11
C ASN A 40 -9.53 29.16 -19.28
N TYR A 41 -9.89 27.91 -19.60
CA TYR A 41 -10.94 27.67 -20.58
C TYR A 41 -12.29 28.08 -20.03
N THR A 42 -13.21 28.43 -20.92
CA THR A 42 -14.62 28.63 -20.58
C THR A 42 -15.38 27.39 -21.02
N VAL A 43 -16.18 26.83 -20.11
CA VAL A 43 -16.77 25.51 -20.30
C VAL A 43 -18.27 25.59 -20.07
N ARG A 44 -19.05 25.20 -21.08
CA ARG A 44 -20.49 25.04 -20.95
C ARG A 44 -20.78 23.55 -20.81
N THR A 45 -21.45 23.17 -19.71
CA THR A 45 -21.77 21.77 -19.44
C THR A 45 -23.24 21.53 -19.73
N LEU A 46 -23.51 20.65 -20.69
CA LEU A 46 -24.88 20.35 -21.10
C LEU A 46 -25.40 19.14 -20.34
N GLY A 47 -26.57 19.31 -19.72
CA GLY A 47 -27.30 18.18 -19.16
C GLY A 47 -26.95 17.77 -17.75
N LEU A 48 -26.62 18.72 -16.87
CA LEU A 48 -26.23 18.35 -15.52
C LEU A 48 -27.40 17.81 -14.71
N GLY A 49 -28.56 18.46 -14.82
CA GLY A 49 -29.71 18.02 -14.03
C GLY A 49 -30.25 16.67 -14.46
N GLU A 50 -30.49 16.50 -15.76
CA GLU A 50 -31.22 15.37 -16.27
C GLU A 50 -30.38 14.09 -16.20
N GLU A 51 -31.02 12.95 -16.48
CA GLU A 51 -30.40 11.64 -16.39
C GLU A 51 -30.18 11.06 -17.79
N TRP A 52 -29.25 10.10 -17.85
CA TRP A 52 -28.61 9.67 -19.10
C TRP A 52 -29.46 8.61 -19.82
N ARG A 53 -30.28 9.07 -20.76
CA ARG A 53 -31.02 8.17 -21.64
C ARG A 53 -30.18 7.65 -22.80
N GLY A 54 -28.88 7.96 -22.83
CA GLY A 54 -28.04 7.57 -23.94
C GLY A 54 -27.59 6.13 -23.95
N GLY A 55 -28.11 5.29 -23.07
CA GLY A 55 -27.78 3.88 -23.08
C GLY A 55 -26.58 3.52 -22.24
N ASP A 56 -25.88 2.46 -22.64
CA ASP A 56 -24.73 1.98 -21.88
C ASP A 56 -23.43 2.38 -22.58
N THR A 60 -21.88 -0.64 -25.32
CA THR A 60 -22.54 -0.69 -26.61
C THR A 60 -22.51 0.66 -27.31
N VAL A 61 -23.15 0.75 -28.47
CA VAL A 61 -23.18 2.01 -29.22
C VAL A 61 -24.27 2.90 -28.65
N GLY A 62 -23.99 4.19 -28.57
CA GLY A 62 -24.96 5.12 -28.03
C GLY A 62 -24.41 6.52 -28.00
N GLY A 63 -24.99 7.34 -27.10
CA GLY A 63 -24.62 8.73 -27.01
C GLY A 63 -25.35 9.65 -27.95
N GLY A 64 -26.50 9.21 -28.50
CA GLY A 64 -27.27 10.11 -29.33
C GLY A 64 -27.83 11.29 -28.57
N GLN A 65 -28.11 11.10 -27.27
CA GLN A 65 -28.56 12.21 -26.43
C GLN A 65 -27.55 13.34 -26.42
N LYS A 66 -26.25 13.00 -26.49
CA LYS A 66 -25.21 14.02 -26.62
C LYS A 66 -25.51 14.97 -27.77
N VAL A 67 -25.87 14.42 -28.94
CA VAL A 67 -26.09 15.25 -30.12
C VAL A 67 -27.35 16.09 -29.95
N ARG A 68 -28.41 15.51 -29.38
CA ARG A 68 -29.65 16.27 -29.17
C ARG A 68 -29.39 17.51 -28.34
N TRP A 69 -28.71 17.36 -27.21
CA TRP A 69 -28.41 18.51 -26.35
C TRP A 69 -27.52 19.51 -27.06
N LEU A 70 -26.55 19.03 -27.83
CA LEU A 70 -25.68 19.95 -28.55
C LEU A 70 -26.43 20.68 -29.66
N LYS A 71 -27.32 19.97 -30.37
CA LYS A 71 -28.12 20.60 -31.41
C LYS A 71 -28.95 21.75 -30.84
N LYS A 72 -29.52 21.57 -29.65
CA LYS A 72 -30.30 22.62 -29.03
C LYS A 72 -29.41 23.79 -28.62
N GLU A 73 -28.29 23.49 -27.96
CA GLU A 73 -27.38 24.55 -27.53
C GLU A 73 -26.88 25.37 -28.71
N MET A 74 -26.67 24.73 -29.85
CA MET A 74 -26.06 25.43 -30.99
C MET A 74 -27.01 26.43 -31.63
N GLU A 75 -28.32 26.29 -31.44
CA GLU A 75 -29.26 27.16 -32.13
C GLU A 75 -29.08 28.62 -31.76
N LYS A 76 -28.60 28.90 -30.55
CA LYS A 76 -28.30 30.27 -30.15
C LYS A 76 -27.00 30.80 -30.73
N TYR A 77 -26.18 29.94 -31.34
CA TYR A 77 -24.92 30.35 -31.95
C TYR A 77 -24.91 30.09 -33.46
N ALA A 78 -26.08 29.94 -34.07
CA ALA A 78 -26.16 29.47 -35.45
C ALA A 78 -25.53 30.43 -36.47
N ASP A 79 -25.34 31.70 -36.10
CA ASP A 79 -24.83 32.70 -37.03
C ASP A 79 -23.55 33.36 -36.51
N ARG A 80 -22.85 32.70 -35.59
CA ARG A 80 -21.68 33.28 -34.95
C ARG A 80 -20.44 32.76 -35.65
N GLU A 81 -20.02 33.47 -36.71
CA GLU A 81 -18.75 33.14 -37.36
C GLU A 81 -17.56 33.51 -36.48
N ASP A 82 -17.74 34.44 -35.55
CA ASP A 82 -16.69 34.87 -34.64
C ASP A 82 -16.43 33.88 -33.51
N MET A 83 -17.17 32.79 -33.43
CA MET A 83 -17.07 31.84 -32.32
C MET A 83 -16.50 30.52 -32.80
N ILE A 84 -15.46 30.05 -32.10
CA ILE A 84 -14.94 28.70 -32.26
C ILE A 84 -15.44 27.86 -31.10
N ILE A 85 -16.07 26.73 -31.40
CA ILE A 85 -16.58 25.81 -30.38
C ILE A 85 -15.80 24.51 -30.47
N MET A 86 -15.39 23.99 -29.32
CA MET A 86 -14.82 22.66 -29.21
C MET A 86 -15.72 21.80 -28.34
N PHE A 87 -16.09 20.64 -28.85
CA PHE A 87 -16.90 19.67 -28.13
C PHE A 87 -16.04 18.49 -27.75
N VAL A 88 -16.07 18.10 -26.48
CA VAL A 88 -15.29 16.96 -25.98
C VAL A 88 -16.11 16.24 -24.92
N ASP A 89 -15.86 14.93 -24.79
CA ASP A 89 -16.34 14.22 -23.62
C ASP A 89 -15.74 14.85 -22.37
N SER A 90 -16.27 14.47 -21.21
CA SER A 90 -15.76 14.98 -19.94
C SER A 90 -15.32 13.91 -18.95
N TYR A 91 -16.00 12.76 -18.92
CA TYR A 91 -15.64 11.73 -17.94
C TYR A 91 -14.29 11.10 -18.24
N ASP A 92 -13.87 11.10 -19.50
CA ASP A 92 -12.66 10.40 -19.92
C ASP A 92 -11.74 11.30 -20.71
N VAL A 93 -11.76 12.60 -20.43
CA VAL A 93 -10.94 13.57 -21.13
C VAL A 93 -10.24 14.45 -20.11
N ILE A 94 -8.97 14.75 -20.36
CA ILE A 94 -8.25 15.80 -19.64
C ILE A 94 -7.62 16.71 -20.68
N LEU A 95 -7.50 17.99 -20.32
CA LEU A 95 -6.91 18.98 -21.20
C LEU A 95 -5.42 19.15 -20.87
N ALA A 96 -4.62 19.40 -21.92
CA ALA A 96 -3.18 19.41 -21.79
C ALA A 96 -2.51 20.66 -22.35
N GLY A 97 -3.25 21.57 -22.97
CA GLY A 97 -2.65 22.75 -23.57
C GLY A 97 -3.60 23.92 -23.57
N SER A 98 -3.02 25.11 -23.76
CA SER A 98 -3.75 26.36 -23.56
C SER A 98 -4.74 26.59 -24.70
N PRO A 99 -5.79 27.39 -24.44
CA PRO A 99 -6.65 27.85 -25.54
C PRO A 99 -5.87 28.53 -26.65
N THR A 100 -4.87 29.34 -26.29
CA THR A 100 -4.07 30.04 -27.30
C THR A 100 -3.36 29.05 -28.21
N GLU A 101 -2.70 28.04 -27.63
CA GLU A 101 -2.05 27.03 -28.45
C GLU A 101 -3.07 26.24 -29.25
N LEU A 102 -4.22 25.94 -28.63
CA LEU A 102 -5.26 25.18 -29.32
C LEU A 102 -5.78 25.94 -30.53
N LEU A 103 -5.97 27.25 -30.40
CA LEU A 103 -6.50 28.02 -31.52
C LEU A 103 -5.47 28.17 -32.63
N LYS A 104 -4.19 28.32 -32.28
CA LYS A 104 -3.14 28.37 -33.29
C LYS A 104 -3.11 27.08 -34.11
N LYS A 105 -3.23 25.93 -33.45
CA LYS A 105 -3.20 24.66 -34.17
C LYS A 105 -4.45 24.47 -35.02
N PHE A 106 -5.60 24.95 -34.55
CA PHE A 106 -6.83 24.82 -35.32
C PHE A 106 -6.73 25.61 -36.63
N VAL A 107 -6.26 26.86 -36.55
CA VAL A 107 -6.14 27.69 -37.75
C VAL A 107 -5.09 27.11 -38.69
N GLN A 108 -4.03 26.52 -38.13
CA GLN A 108 -3.00 25.88 -38.95
C GLN A 108 -3.58 24.75 -39.79
N SER A 109 -4.65 24.11 -39.32
CA SER A 109 -5.26 22.99 -40.04
C SER A 109 -6.06 23.42 -41.25
N GLY A 110 -6.37 24.71 -41.39
CA GLY A 110 -7.18 25.18 -42.50
C GLY A 110 -8.55 24.54 -42.59
N SER A 111 -9.02 23.93 -41.50
CA SER A 111 -10.32 23.28 -41.45
C SER A 111 -11.36 24.20 -40.82
N ARG A 112 -12.62 23.97 -41.18
CA ARG A 112 -13.73 24.68 -40.56
C ARG A 112 -14.44 23.85 -39.49
N LEU A 113 -14.24 22.53 -39.50
CA LEU A 113 -14.68 21.67 -38.41
C LEU A 113 -13.78 20.45 -38.40
N LEU A 114 -12.93 20.34 -37.37
CA LEU A 114 -11.90 19.32 -37.28
C LEU A 114 -12.30 18.26 -36.25
N PHE A 115 -12.54 17.04 -36.72
CA PHE A 115 -12.82 15.92 -35.84
C PHE A 115 -11.54 15.24 -35.39
N SER A 116 -11.62 14.57 -34.25
CA SER A 116 -10.52 13.71 -33.81
C SER A 116 -10.47 12.45 -34.67
N ALA A 117 -9.28 11.89 -34.80
CA ALA A 117 -9.08 10.68 -35.59
C ALA A 117 -8.66 9.53 -34.68
N GLU A 118 -8.87 8.31 -35.16
CA GLU A 118 -8.54 7.13 -34.37
C GLU A 118 -8.22 5.97 -35.30
N SER A 119 -7.67 4.91 -34.73
CA SER A 119 -7.17 3.77 -35.50
C SER A 119 -8.27 2.83 -35.98
N PHE A 120 -9.49 2.93 -35.47
CA PHE A 120 -10.53 1.96 -35.75
C PHE A 120 -11.73 2.59 -36.42
N CYS A 121 -12.48 1.77 -37.16
CA CYS A 121 -13.69 2.17 -37.86
C CYS A 121 -14.89 1.60 -37.10
N TRP A 122 -15.74 2.50 -36.59
CA TRP A 122 -16.74 2.08 -35.62
C TRP A 122 -17.97 2.97 -35.70
N PRO A 123 -19.19 2.42 -35.66
CA PRO A 123 -19.53 1.00 -35.50
C PRO A 123 -19.42 0.19 -36.79
N GLU A 124 -20.00 0.68 -37.87
CA GLU A 124 -19.94 -0.03 -39.15
C GLU A 124 -18.51 -0.05 -39.65
N TRP A 125 -17.88 -1.24 -39.60
CA TRP A 125 -16.50 -1.35 -40.01
C TRP A 125 -16.33 -1.27 -41.53
N GLY A 126 -17.38 -1.58 -42.30
CA GLY A 126 -17.26 -1.64 -43.75
C GLY A 126 -17.10 -0.31 -44.43
N LEU A 127 -17.47 0.79 -43.76
CA LEU A 127 -17.31 2.12 -44.34
C LEU A 127 -15.85 2.51 -44.55
N ALA A 128 -14.90 1.66 -44.13
CA ALA A 128 -13.50 2.02 -44.14
C ALA A 128 -12.97 2.40 -45.52
N GLU A 129 -13.65 1.98 -46.59
CA GLU A 129 -13.15 2.30 -47.92
C GLU A 129 -13.60 3.68 -48.39
N GLN A 130 -14.71 4.19 -47.86
CA GLN A 130 -15.15 5.54 -48.22
C GLN A 130 -14.20 6.62 -47.69
N TYR A 131 -13.47 6.32 -46.62
CA TYR A 131 -12.52 7.28 -46.07
C TYR A 131 -11.38 7.54 -47.05
N PRO A 132 -10.87 8.77 -47.08
CA PRO A 132 -9.66 9.04 -47.87
C PRO A 132 -8.47 8.26 -47.32
N GLU A 133 -7.49 8.05 -48.18
CA GLU A 133 -6.26 7.40 -47.78
C GLU A 133 -5.38 8.38 -47.03
N VAL A 134 -4.80 7.93 -45.92
CA VAL A 134 -3.84 8.71 -45.15
C VAL A 134 -2.57 7.88 -44.98
N GLY A 135 -1.43 8.48 -45.34
CA GLY A 135 -0.18 7.76 -45.40
C GLY A 135 0.23 7.07 -44.11
N THR A 136 0.44 7.86 -43.05
CA THR A 136 0.93 7.32 -41.78
C THR A 136 0.08 7.71 -40.59
N GLY A 137 -0.94 8.54 -40.76
CA GLY A 137 -1.75 8.98 -39.65
C GLY A 137 -2.95 8.10 -39.40
N LYS A 138 -3.75 8.48 -38.41
CA LYS A 138 -5.00 7.80 -38.13
C LYS A 138 -6.03 8.17 -39.19
N ARG A 139 -6.85 7.21 -39.57
CA ARG A 139 -7.66 7.35 -40.78
C ARG A 139 -9.13 7.69 -40.52
N PHE A 140 -9.68 7.32 -39.37
CA PHE A 140 -11.13 7.32 -39.19
C PHE A 140 -11.57 8.36 -38.17
N LEU A 141 -12.85 8.73 -38.26
CA LEU A 141 -13.41 9.75 -37.40
C LEU A 141 -13.70 9.20 -36.00
N ASN A 142 -13.63 10.09 -35.01
CA ASN A 142 -14.03 9.79 -33.65
C ASN A 142 -14.76 11.01 -33.10
N SER A 143 -16.03 10.83 -32.73
CA SER A 143 -16.86 11.94 -32.28
C SER A 143 -16.57 12.37 -30.85
N GLY A 144 -15.56 11.76 -30.20
CA GLY A 144 -15.24 12.16 -28.83
C GLY A 144 -14.75 13.58 -28.70
N GLY A 145 -14.23 14.16 -29.78
CA GLY A 145 -13.74 15.52 -29.75
C GLY A 145 -13.60 16.15 -31.13
N PHE A 146 -14.34 17.23 -31.37
CA PHE A 146 -14.18 18.01 -32.58
C PHE A 146 -14.18 19.49 -32.24
N ILE A 147 -13.68 20.29 -33.15
CA ILE A 147 -13.57 21.73 -32.96
C ILE A 147 -13.79 22.42 -34.30
N GLY A 148 -14.57 23.49 -34.29
CA GLY A 148 -14.80 24.24 -35.51
C GLY A 148 -15.57 25.50 -35.22
N PHE A 149 -15.87 26.23 -36.29
CA PHE A 149 -16.68 27.42 -36.17
C PHE A 149 -18.09 27.05 -35.74
N ALA A 150 -18.72 27.95 -34.97
CA ALA A 150 -20.09 27.70 -34.51
C ALA A 150 -21.05 27.54 -35.68
N THR A 151 -20.88 28.36 -36.72
CA THR A 151 -21.74 28.27 -37.90
C THR A 151 -21.64 26.89 -38.53
N THR A 152 -20.40 26.40 -38.72
CA THR A 152 -20.21 25.10 -39.35
C THR A 152 -20.75 23.98 -38.46
N ILE A 153 -20.43 24.02 -37.17
CA ILE A 153 -20.93 23.00 -36.25
C ILE A 153 -22.45 23.02 -36.21
N HIS A 154 -23.05 24.22 -36.21
CA HIS A 154 -24.50 24.29 -36.22
C HIS A 154 -25.08 23.62 -37.45
N GLN A 155 -24.46 23.82 -38.62
CA GLN A 155 -24.98 23.20 -39.83
C GLN A 155 -24.88 21.68 -39.79
N ILE A 156 -23.96 21.14 -38.99
CA ILE A 156 -23.82 19.69 -38.88
C ILE A 156 -24.83 19.12 -37.89
N VAL A 157 -24.77 19.57 -36.63
CA VAL A 157 -25.63 19.02 -35.60
C VAL A 157 -27.10 19.32 -35.86
N ARG A 158 -27.40 20.33 -36.68
CA ARG A 158 -28.78 20.68 -36.98
C ARG A 158 -29.54 19.51 -37.59
N GLN A 159 -28.84 18.62 -38.27
CA GLN A 159 -29.46 17.53 -39.01
C GLN A 159 -29.85 16.34 -38.13
N TRP A 160 -29.72 16.46 -36.81
CA TRP A 160 -30.03 15.35 -35.92
C TRP A 160 -31.54 15.21 -35.74
N LYS A 161 -32.03 13.98 -35.92
CA LYS A 161 -33.47 13.72 -35.86
C LYS A 161 -33.71 12.27 -35.42
N TYR A 162 -32.92 11.79 -34.48
CA TYR A 162 -32.83 10.37 -34.19
C TYR A 162 -33.09 10.14 -32.70
N LYS A 163 -33.00 8.87 -32.29
CA LYS A 163 -33.27 8.46 -30.92
C LYS A 163 -32.10 8.83 -30.01
N ASP A 164 -32.40 8.96 -28.72
CA ASP A 164 -31.34 9.21 -27.74
C ASP A 164 -30.40 8.02 -27.61
N ASP A 165 -30.82 6.84 -28.03
CA ASP A 165 -29.99 5.63 -27.97
C ASP A 165 -29.26 5.34 -29.27
N ASP A 166 -29.44 6.18 -30.29
CA ASP A 166 -28.73 5.97 -31.55
C ASP A 166 -27.27 6.39 -31.41
N ASP A 167 -26.48 6.05 -32.41
CA ASP A 167 -25.02 6.20 -32.33
C ASP A 167 -24.62 7.59 -32.79
N ASP A 168 -24.14 8.41 -31.85
CA ASP A 168 -23.64 9.74 -32.19
C ASP A 168 -22.49 9.64 -33.19
N GLN A 169 -21.64 8.63 -33.05
CA GLN A 169 -20.48 8.47 -33.92
C GLN A 169 -20.92 8.23 -35.36
N LEU A 170 -21.85 7.29 -35.57
CA LEU A 170 -22.30 6.98 -36.92
C LEU A 170 -22.93 8.19 -37.59
N PHE A 171 -23.64 9.02 -36.80
CA PHE A 171 -24.23 10.24 -37.34
C PHE A 171 -23.16 11.16 -37.93
N TYR A 172 -22.09 11.41 -37.18
CA TYR A 172 -21.01 12.25 -37.68
C TYR A 172 -20.25 11.56 -38.81
N THR A 173 -19.98 10.25 -38.66
CA THR A 173 -19.26 9.51 -39.69
C THR A 173 -19.98 9.61 -41.04
N ARG A 174 -21.31 9.40 -41.03
CA ARG A 174 -22.07 9.45 -42.27
C ARG A 174 -21.98 10.82 -42.92
N LEU A 175 -22.05 11.89 -42.11
CA LEU A 175 -21.90 13.23 -42.65
C LEU A 175 -20.50 13.44 -43.21
N TYR A 176 -19.48 12.99 -42.48
CA TYR A 176 -18.11 13.18 -42.95
C TYR A 176 -17.84 12.40 -44.23
N LEU A 177 -18.46 11.24 -44.38
CA LEU A 177 -18.21 10.40 -45.55
C LEU A 177 -18.94 10.87 -46.80
N ASP A 178 -19.76 11.90 -46.69
CA ASP A 178 -20.41 12.55 -47.82
C ASP A 178 -19.37 13.43 -48.53
N PRO A 179 -18.85 13.00 -49.69
CA PRO A 179 -17.73 13.75 -50.30
C PRO A 179 -18.07 15.20 -50.61
N GLY A 180 -19.29 15.47 -51.05
CA GLY A 180 -19.67 16.85 -51.33
C GLY A 180 -19.76 17.69 -50.08
N LEU A 181 -20.43 17.17 -49.05
CA LEU A 181 -20.50 17.88 -47.77
C LEU A 181 -19.13 18.03 -47.14
N ARG A 182 -18.30 16.98 -47.22
CA ARG A 182 -16.97 17.01 -46.62
C ARG A 182 -16.17 18.22 -47.10
N GLU A 183 -16.23 18.52 -48.39
CA GLU A 183 -15.44 19.60 -48.95
C GLU A 183 -16.20 20.91 -49.09
N LYS A 184 -17.54 20.88 -49.01
CA LYS A 184 -18.30 22.13 -49.04
C LYS A 184 -18.15 22.89 -47.72
N LEU A 185 -18.32 22.18 -46.60
CA LEU A 185 -18.08 22.74 -45.29
C LEU A 185 -16.62 22.62 -44.85
N SER A 186 -15.79 21.97 -45.65
CA SER A 186 -14.38 21.73 -45.35
C SER A 186 -14.22 21.14 -43.94
N LEU A 187 -14.74 19.93 -43.79
CA LEU A 187 -14.50 19.13 -42.60
C LEU A 187 -13.19 18.37 -42.76
N ASN A 188 -12.54 18.07 -41.63
CA ASN A 188 -11.26 17.40 -41.68
C ASN A 188 -11.09 16.51 -40.45
N LEU A 189 -10.08 15.65 -40.49
CA LEU A 189 -9.72 14.78 -39.39
C LEU A 189 -8.32 15.12 -38.92
N ASP A 190 -8.12 15.08 -37.60
CA ASP A 190 -6.81 15.36 -36.98
C ASP A 190 -5.96 14.09 -37.07
N HIS A 191 -5.54 13.78 -38.30
CA HIS A 191 -4.91 12.49 -38.59
C HIS A 191 -3.74 12.21 -37.67
N LYS A 192 -2.86 13.19 -37.48
CA LYS A 192 -1.61 13.01 -36.76
C LYS A 192 -1.69 13.47 -35.30
N SER A 193 -2.90 13.62 -34.76
CA SER A 193 -3.12 13.95 -33.35
C SER A 193 -2.38 15.21 -32.93
N ARG A 194 -2.52 16.26 -33.75
CA ARG A 194 -1.95 17.55 -33.37
C ARG A 194 -2.75 18.21 -32.25
N ILE A 195 -4.06 17.97 -32.21
CA ILE A 195 -4.93 18.59 -31.22
C ILE A 195 -5.56 17.51 -30.33
N PHE A 196 -6.26 16.57 -30.94
CA PHE A 196 -6.95 15.52 -30.22
C PHE A 196 -6.10 14.25 -30.19
N GLN A 197 -5.97 13.65 -29.01
CA GLN A 197 -5.27 12.39 -28.85
C GLN A 197 -6.24 11.38 -28.26
N ASN A 198 -6.72 10.46 -29.09
CA ASN A 198 -7.48 9.31 -28.61
C ASN A 198 -6.50 8.20 -28.25
N LEU A 199 -6.70 7.61 -27.07
CA LEU A 199 -5.74 6.63 -26.56
C LEU A 199 -5.95 5.24 -27.14
N ASN A 200 -7.21 4.85 -27.39
CA ASN A 200 -7.50 3.49 -27.82
C ASN A 200 -6.87 3.23 -29.19
N GLY A 201 -5.97 2.25 -29.24
CA GLY A 201 -5.21 1.97 -30.43
C GLY A 201 -3.90 2.71 -30.54
N ALA A 202 -3.58 3.57 -29.56
CA ALA A 202 -2.41 4.42 -29.64
C ALA A 202 -1.60 4.44 -28.34
N LEU A 203 -1.81 3.46 -27.45
CA LEU A 203 -1.14 3.48 -26.15
C LEU A 203 0.38 3.59 -26.28
N ASP A 204 0.96 2.80 -27.18
CA ASP A 204 2.40 2.82 -27.37
C ASP A 204 2.91 4.09 -28.03
N GLU A 205 2.02 4.98 -28.46
CA GLU A 205 2.42 6.22 -29.10
C GLU A 205 2.52 7.38 -28.14
N VAL A 206 2.07 7.22 -26.89
CA VAL A 206 1.86 8.34 -25.98
C VAL A 206 2.76 8.17 -24.77
N VAL A 207 3.50 9.23 -24.44
CA VAL A 207 4.34 9.28 -23.25
C VAL A 207 4.17 10.65 -22.61
N LEU A 208 4.51 10.73 -21.32
CA LEU A 208 4.46 11.98 -20.59
C LEU A 208 5.64 12.87 -20.98
N LYS A 209 5.38 14.15 -21.17
CA LYS A 209 6.43 15.15 -21.31
C LYS A 209 6.38 16.07 -20.10
N PHE A 210 7.44 16.05 -19.30
CA PHE A 210 7.48 16.80 -18.06
C PHE A 210 8.05 18.19 -18.28
N ASP A 211 7.57 19.13 -17.47
CA ASP A 211 8.14 20.46 -17.37
C ASP A 211 8.22 20.78 -15.88
N ARG A 212 8.75 21.95 -15.55
CA ARG A 212 8.97 22.31 -14.15
C ARG A 212 7.68 22.26 -13.34
N ASN A 213 6.63 22.92 -13.82
CA ASN A 213 5.39 23.01 -13.06
C ASN A 213 4.16 22.63 -13.88
N ARG A 214 4.34 21.85 -14.95
CA ARG A 214 3.21 21.30 -15.68
C ARG A 214 3.70 20.10 -16.47
N VAL A 215 2.77 19.21 -16.79
CA VAL A 215 3.08 17.98 -17.53
C VAL A 215 2.13 17.88 -18.71
N ARG A 216 2.67 17.41 -19.83
CA ARG A 216 1.92 17.18 -21.05
C ARG A 216 2.08 15.74 -21.47
N ILE A 217 1.45 15.37 -22.59
CA ILE A 217 1.71 14.12 -23.27
C ILE A 217 2.32 14.44 -24.62
N ARG A 218 3.23 13.58 -25.07
CA ARG A 218 3.82 13.68 -26.39
C ARG A 218 3.48 12.44 -27.17
N ASN A 219 3.13 12.61 -28.45
CA ASN A 219 2.92 11.49 -29.36
C ASN A 219 4.24 11.23 -30.07
N VAL A 220 4.89 10.10 -29.75
CA VAL A 220 6.18 9.81 -30.35
C VAL A 220 6.06 9.27 -31.77
N ALA A 221 4.87 8.89 -32.20
CA ALA A 221 4.69 8.47 -33.58
C ALA A 221 4.77 9.67 -34.52
N TYR A 222 4.08 10.75 -34.18
CA TYR A 222 3.99 11.93 -35.04
C TYR A 222 4.74 13.13 -34.48
N ASP A 223 5.41 12.99 -33.34
CA ASP A 223 6.12 14.07 -32.66
C ASP A 223 5.26 15.33 -32.56
N THR A 224 4.12 15.17 -31.86
CA THR A 224 3.21 16.26 -31.61
C THR A 224 2.90 16.33 -30.12
N LEU A 225 2.37 17.48 -29.70
CA LEU A 225 1.99 17.73 -28.30
C LEU A 225 0.49 17.98 -28.28
N PRO A 226 -0.33 16.95 -28.11
CA PRO A 226 -1.77 17.11 -28.23
C PRO A 226 -2.35 18.00 -27.13
N ILE A 227 -3.56 18.49 -27.39
CA ILE A 227 -4.28 19.34 -26.45
C ILE A 227 -5.30 18.55 -25.65
N VAL A 228 -6.01 17.63 -26.29
CA VAL A 228 -7.13 16.92 -25.70
C VAL A 228 -6.76 15.44 -25.62
N VAL A 229 -6.62 14.92 -24.41
CA VAL A 229 -6.36 13.50 -24.17
C VAL A 229 -7.69 12.82 -23.89
N HIS A 230 -8.08 11.91 -24.77
CA HIS A 230 -9.36 11.20 -24.68
C HIS A 230 -9.09 9.72 -24.46
N GLY A 231 -9.36 9.25 -23.25
CA GLY A 231 -9.22 7.84 -22.96
C GLY A 231 -10.44 7.06 -23.41
N ASN A 232 -10.67 7.02 -24.72
CA ASN A 232 -11.86 6.40 -25.26
C ASN A 232 -11.75 4.88 -25.20
N GLY A 233 -12.92 4.24 -25.11
CA GLY A 233 -12.99 2.80 -25.06
C GLY A 233 -12.32 2.22 -23.84
N PRO A 234 -11.58 1.13 -24.03
CA PRO A 234 -10.96 0.43 -22.90
C PRO A 234 -9.63 1.01 -22.45
N THR A 235 -9.52 2.34 -22.41
CA THR A 235 -8.30 3.00 -21.96
C THR A 235 -8.55 3.92 -20.76
N LYS A 236 -9.62 3.66 -20.01
CA LYS A 236 -9.92 4.48 -18.83
C LYS A 236 -8.77 4.43 -17.82
N LEU A 237 -8.14 3.26 -17.68
CA LEU A 237 -7.08 3.12 -16.69
C LEU A 237 -5.82 3.89 -17.10
N GLN A 238 -5.49 3.86 -18.39
CA GLN A 238 -4.35 4.63 -18.87
C GLN A 238 -4.60 6.12 -18.69
N LEU A 239 -5.84 6.56 -18.91
CA LEU A 239 -6.15 7.97 -18.69
C LEU A 239 -6.04 8.36 -17.23
N ASN A 240 -6.55 7.50 -16.33
CA ASN A 240 -6.34 7.72 -14.90
C ASN A 240 -4.86 7.93 -14.60
N TYR A 241 -4.01 7.09 -15.18
CA TYR A 241 -2.57 7.21 -14.99
C TYR A 241 -2.05 8.56 -15.46
N LEU A 242 -2.29 8.88 -16.73
CA LEU A 242 -1.85 10.16 -17.28
C LEU A 242 -2.42 11.32 -16.48
N GLY A 243 -3.67 11.17 -16.01
CA GLY A 243 -4.35 12.21 -15.25
C GLY A 243 -3.78 12.46 -13.87
N ASN A 244 -2.93 11.58 -13.36
CA ASN A 244 -2.23 11.85 -12.12
C ASN A 244 -1.19 12.95 -12.29
N TYR A 245 -0.81 13.27 -13.53
CA TYR A 245 0.22 14.25 -13.83
C TYR A 245 -0.30 15.41 -14.65
N VAL A 246 -1.06 15.13 -15.71
CA VAL A 246 -1.44 16.14 -16.71
C VAL A 246 -2.71 16.86 -16.29
N PRO A 247 -2.72 18.20 -16.25
CA PRO A 247 -1.61 19.13 -16.54
C PRO A 247 -0.80 19.51 -15.30
N ASN A 248 -1.47 19.70 -14.16
CA ASN A 248 -0.79 20.04 -12.91
C ASN A 248 -1.09 19.00 -11.83
N GLY A 249 -1.25 17.74 -12.23
CA GLY A 249 -1.48 16.68 -11.27
C GLY A 249 -0.30 16.51 -10.33
N TRP A 250 0.88 16.29 -10.90
CA TRP A 250 2.11 16.18 -10.14
C TRP A 250 3.23 16.77 -10.98
N THR A 251 4.07 17.60 -10.37
CA THR A 251 5.13 18.29 -11.09
C THR A 251 6.45 18.14 -10.36
N PRO A 252 7.56 18.10 -11.10
CA PRO A 252 8.88 17.96 -10.44
C PRO A 252 9.16 19.01 -9.37
N GLU A 253 8.74 20.25 -9.59
CA GLU A 253 9.05 21.32 -8.66
C GLU A 253 7.90 21.65 -7.70
N GLY A 254 6.66 21.38 -8.09
CA GLY A 254 5.54 21.71 -7.24
C GLY A 254 5.01 20.54 -6.42
N GLY A 255 5.45 19.32 -6.74
CA GLY A 255 4.89 18.16 -6.10
C GLY A 255 3.47 17.90 -6.58
N CYS A 256 2.72 17.15 -5.78
CA CYS A 256 1.30 16.97 -6.06
C CYS A 256 0.59 18.32 -6.04
N GLY A 257 -0.44 18.44 -6.87
CA GLY A 257 -1.19 19.68 -7.00
C GLY A 257 -2.62 19.65 -6.52
N PHE A 258 -3.07 18.56 -5.90
CA PHE A 258 -4.44 18.47 -5.40
C PHE A 258 -4.52 17.86 -4.00
N CYS A 259 -3.42 17.35 -3.45
CA CYS A 259 -3.41 16.73 -2.13
C CYS A 259 -3.09 17.80 -1.08
N ASN A 260 -2.80 17.35 0.15
CA ASN A 260 -2.60 18.25 1.28
C ASN A 260 -1.15 18.72 1.41
N GLN A 261 -0.20 17.78 1.35
CA GLN A 261 1.23 18.05 1.56
C GLN A 261 1.51 18.54 2.97
N ASP A 262 0.98 19.71 3.34
CA ASP A 262 1.09 20.23 4.69
C ASP A 262 -0.22 19.97 5.42
N ARG A 263 -0.18 19.18 6.48
CA ARG A 263 -1.39 18.79 7.20
C ARG A 263 -2.15 19.99 7.75
N GLN A 270 -15.42 21.44 15.53
CA GLN A 270 -14.31 20.77 16.21
C GLN A 270 -14.35 19.24 16.47
N PRO A 271 -15.36 18.50 16.02
CA PRO A 271 -15.32 17.04 16.24
C PRO A 271 -15.02 16.29 14.96
N PRO A 272 -14.17 15.27 15.02
CA PRO A 272 -13.90 14.45 13.84
C PRO A 272 -15.07 13.53 13.57
N PRO A 273 -15.22 13.05 12.34
CA PRO A 273 -16.40 12.26 11.98
C PRO A 273 -16.39 10.88 12.63
N ARG A 274 -17.60 10.35 12.85
CA ARG A 274 -17.74 8.98 13.34
C ARG A 274 -17.27 8.00 12.28
N VAL A 275 -16.64 6.91 12.73
CA VAL A 275 -15.96 5.98 11.84
C VAL A 275 -16.29 4.55 12.25
N PHE A 276 -16.56 3.69 11.25
CA PHE A 276 -16.67 2.25 11.44
C PHE A 276 -15.33 1.63 11.08
N LEU A 277 -14.62 1.11 12.07
CA LEU A 277 -13.34 0.44 11.84
C LEU A 277 -13.56 -1.06 11.75
N ALA A 278 -13.17 -1.66 10.62
CA ALA A 278 -13.36 -3.07 10.36
C ALA A 278 -11.99 -3.73 10.23
N VAL A 279 -11.73 -4.73 11.08
CA VAL A 279 -10.48 -5.46 11.10
C VAL A 279 -10.73 -6.88 10.60
N PHE A 280 -9.84 -7.38 9.75
CA PHE A 280 -10.03 -8.67 9.09
C PHE A 280 -8.81 -9.56 9.33
N VAL A 281 -9.05 -10.71 9.96
CA VAL A 281 -8.03 -11.74 10.14
C VAL A 281 -8.45 -12.95 9.31
N GLU A 282 -7.99 -13.00 8.06
CA GLU A 282 -8.42 -14.02 7.11
C GLU A 282 -7.39 -15.13 6.89
N GLN A 283 -6.26 -15.05 7.56
CA GLN A 283 -5.23 -16.08 7.52
C GLN A 283 -4.43 -16.01 8.81
N PRO A 284 -3.72 -17.08 9.20
CA PRO A 284 -2.84 -16.98 10.36
C PRO A 284 -1.81 -15.87 10.15
N THR A 285 -1.76 -14.94 11.10
CA THR A 285 -1.02 -13.70 10.92
C THR A 285 0.00 -13.54 12.05
N PRO A 286 1.25 -13.26 11.74
CA PRO A 286 2.24 -13.02 12.80
C PRO A 286 1.94 -11.73 13.56
N PHE A 287 2.33 -11.71 14.83
CA PHE A 287 2.28 -10.52 15.66
C PHE A 287 0.89 -9.91 15.77
N LEU A 288 -0.14 -10.77 15.69
CA LEU A 288 -1.50 -10.28 15.89
C LEU A 288 -1.73 -9.66 17.26
N PRO A 289 -1.23 -10.23 18.38
CA PRO A 289 -1.37 -9.52 19.66
C PRO A 289 -0.84 -8.10 19.60
N ARG A 290 0.28 -7.89 18.91
CA ARG A 290 0.82 -6.55 18.75
CA ARG A 290 0.82 -6.55 18.76
C ARG A 290 -0.11 -5.68 17.91
N PHE A 291 -0.72 -6.28 16.88
CA PHE A 291 -1.69 -5.55 16.05
C PHE A 291 -2.88 -5.09 16.89
N LEU A 292 -3.48 -6.03 17.65
CA LEU A 292 -4.63 -5.69 18.48
C LEU A 292 -4.27 -4.63 19.52
N GLN A 293 -3.06 -4.73 20.08
CA GLN A 293 -2.58 -3.71 21.01
C GLN A 293 -2.47 -2.36 20.32
N ARG A 294 -2.03 -2.36 19.06
CA ARG A 294 -1.85 -1.11 18.33
C ARG A 294 -3.17 -0.40 18.07
N LEU A 295 -4.27 -1.16 17.98
CA LEU A 295 -5.59 -0.55 17.75
C LEU A 295 -5.94 0.48 18.82
N LEU A 296 -5.49 0.25 20.05
CA LEU A 296 -5.72 1.19 21.14
C LEU A 296 -4.91 2.48 21.00
N LEU A 297 -3.96 2.53 20.07
CA LEU A 297 -3.03 3.65 19.98
C LEU A 297 -3.29 4.56 18.78
N LEU A 298 -4.26 4.24 17.93
CA LEU A 298 -4.57 5.10 16.79
C LEU A 298 -5.04 6.45 17.28
N ASP A 299 -4.41 7.52 16.79
CA ASP A 299 -4.68 8.88 17.29
C ASP A 299 -5.96 9.41 16.65
N TYR A 300 -7.08 8.82 17.06
CA TYR A 300 -8.40 9.20 16.63
C TYR A 300 -9.26 8.94 17.87
N PRO A 301 -10.06 9.90 18.31
CA PRO A 301 -10.80 9.74 19.56
C PRO A 301 -11.69 8.52 19.52
N PRO A 302 -11.44 7.53 20.37
CA PRO A 302 -12.09 6.23 20.24
C PRO A 302 -13.60 6.26 20.45
N ASP A 303 -14.14 7.25 21.17
CA ASP A 303 -15.59 7.33 21.31
C ASP A 303 -16.29 7.62 19.98
N ARG A 304 -15.53 7.99 18.94
CA ARG A 304 -16.07 8.21 17.61
C ARG A 304 -15.85 7.01 16.70
N VAL A 305 -15.36 5.88 17.23
CA VAL A 305 -14.99 4.72 16.42
C VAL A 305 -15.82 3.52 16.86
N THR A 306 -16.26 2.74 15.86
CA THR A 306 -16.96 1.48 16.08
C THR A 306 -16.14 0.36 15.47
N LEU A 307 -15.88 -0.69 16.25
CA LEU A 307 -14.97 -1.75 15.85
C LEU A 307 -15.72 -2.99 15.42
N PHE A 308 -15.46 -3.45 14.20
CA PHE A 308 -15.91 -4.74 13.70
C PHE A 308 -14.69 -5.59 13.41
N LEU A 309 -14.61 -6.77 14.00
CA LEU A 309 -13.46 -7.65 13.81
C LEU A 309 -13.95 -9.02 13.36
N HIS A 310 -13.53 -9.44 12.17
CA HIS A 310 -13.77 -10.78 11.67
C HIS A 310 -12.48 -11.58 11.80
N ASN A 311 -12.51 -12.61 12.65
CA ASN A 311 -11.43 -13.59 12.76
C ASN A 311 -11.92 -14.90 12.17
N ASN A 312 -11.20 -15.40 11.17
CA ASN A 312 -11.51 -16.68 10.55
C ASN A 312 -10.65 -17.81 11.09
N GLU A 313 -9.62 -17.51 11.87
CA GLU A 313 -8.64 -18.51 12.29
C GLU A 313 -8.90 -18.92 13.73
N VAL A 314 -9.16 -20.21 13.94
CA VAL A 314 -9.20 -20.76 15.30
C VAL A 314 -7.86 -20.57 15.99
N PHE A 315 -6.77 -20.41 15.22
CA PHE A 315 -5.47 -20.15 15.82
C PHE A 315 -5.44 -18.84 16.58
N HIS A 316 -6.20 -17.85 16.14
CA HIS A 316 -6.15 -16.51 16.72
C HIS A 316 -7.22 -16.25 17.76
N GLU A 317 -8.15 -17.18 17.97
CA GLU A 317 -9.18 -17.00 18.98
C GLU A 317 -8.62 -16.67 20.36
N PRO A 318 -7.57 -17.33 20.86
CA PRO A 318 -6.99 -16.88 22.14
C PRO A 318 -6.45 -15.46 22.06
N HIS A 319 -5.79 -15.10 20.96
CA HIS A 319 -5.24 -13.76 20.81
C HIS A 319 -6.35 -12.71 20.86
N ILE A 320 -7.41 -12.90 20.09
CA ILE A 320 -8.53 -11.97 20.10
C ILE A 320 -9.13 -11.90 21.51
N ALA A 321 -9.31 -13.06 22.13
CA ALA A 321 -9.96 -13.10 23.45
C ALA A 321 -9.16 -12.33 24.50
N ASP A 322 -7.83 -12.42 24.43
CA ASP A 322 -6.99 -11.76 25.43
C ASP A 322 -7.15 -10.25 25.39
N SER A 323 -7.29 -9.68 24.20
CA SER A 323 -7.36 -8.23 24.03
C SER A 323 -8.78 -7.69 24.01
N TRP A 324 -9.79 -8.54 23.90
CA TRP A 324 -11.15 -8.03 23.72
C TRP A 324 -11.65 -7.14 24.86
N PRO A 325 -11.42 -7.47 26.15
CA PRO A 325 -11.87 -6.54 27.20
C PRO A 325 -11.30 -5.14 27.05
N GLN A 326 -10.05 -5.00 26.63
CA GLN A 326 -9.47 -3.68 26.44
C GLN A 326 -10.11 -2.96 25.26
N LEU A 327 -10.38 -3.68 24.17
CA LEU A 327 -11.02 -3.07 23.00
C LEU A 327 -12.44 -2.63 23.31
N GLN A 328 -13.19 -3.46 24.05
CA GLN A 328 -14.56 -3.10 24.41
C GLN A 328 -14.60 -1.86 25.29
N ASP A 329 -13.65 -1.75 26.22
CA ASP A 329 -13.56 -0.54 27.04
C ASP A 329 -13.14 0.66 26.22
N HIS A 330 -12.36 0.45 25.16
CA HIS A 330 -11.75 1.56 24.44
C HIS A 330 -12.73 2.23 23.49
N PHE A 331 -13.33 1.45 22.59
CA PHE A 331 -14.18 2.00 21.55
C PHE A 331 -15.63 2.10 22.03
N SER A 332 -16.41 2.89 21.28
CA SER A 332 -17.80 3.14 21.63
C SER A 332 -18.72 1.95 21.36
N ALA A 333 -18.29 1.00 20.52
CA ALA A 333 -19.05 -0.20 20.21
C ALA A 333 -18.14 -1.18 19.50
N VAL A 334 -18.30 -2.47 19.80
CA VAL A 334 -17.45 -3.51 19.26
C VAL A 334 -18.29 -4.70 18.83
N LYS A 335 -17.80 -5.43 17.83
CA LYS A 335 -18.47 -6.63 17.36
C LYS A 335 -17.45 -7.62 16.85
N LEU A 336 -17.51 -8.85 17.35
CA LEU A 336 -16.64 -9.93 16.90
C LEU A 336 -17.46 -10.95 16.13
N VAL A 337 -16.94 -11.37 14.98
CA VAL A 337 -17.51 -12.46 14.21
C VAL A 337 -16.39 -13.48 14.03
N GLY A 338 -16.47 -14.58 14.78
CA GLY A 338 -15.39 -15.54 14.86
C GLY A 338 -15.47 -16.64 13.83
N PRO A 339 -14.59 -17.63 13.95
CA PRO A 339 -14.59 -18.74 12.99
C PRO A 339 -15.82 -19.62 13.08
N GLU A 340 -16.50 -19.64 14.22
CA GLU A 340 -17.69 -20.46 14.39
C GLU A 340 -18.83 -20.06 13.46
N GLU A 341 -18.70 -18.95 12.75
CA GLU A 341 -19.74 -18.45 11.85
C GLU A 341 -19.55 -18.92 10.40
N ALA A 342 -18.38 -19.44 10.06
CA ALA A 342 -18.12 -20.04 8.74
C ALA A 342 -18.30 -19.02 7.60
N LEU A 343 -17.84 -17.80 7.83
CA LEU A 343 -17.88 -16.76 6.81
C LEU A 343 -16.63 -16.82 5.95
N SER A 344 -16.82 -16.68 4.64
CA SER A 344 -15.70 -16.47 3.74
C SER A 344 -15.24 -15.02 3.82
N PRO A 345 -14.01 -14.73 3.39
CA PRO A 345 -13.57 -13.32 3.35
C PRO A 345 -14.55 -12.40 2.63
N GLY A 346 -15.13 -12.86 1.51
CA GLY A 346 -16.03 -12.00 0.76
C GLY A 346 -17.31 -11.68 1.50
N GLU A 347 -17.88 -12.67 2.20
CA GLU A 347 -19.09 -12.42 2.96
C GLU A 347 -18.81 -11.59 4.21
N ALA A 348 -17.63 -11.76 4.79
CA ALA A 348 -17.25 -10.96 5.96
C ALA A 348 -17.09 -9.50 5.59
N ARG A 349 -16.36 -9.22 4.51
CA ARG A 349 -16.13 -7.84 4.09
C ARG A 349 -17.42 -7.19 3.58
N ASP A 350 -18.28 -7.98 2.92
CA ASP A 350 -19.61 -7.50 2.58
C ASP A 350 -20.36 -7.05 3.84
N MET A 351 -20.38 -7.91 4.86
CA MET A 351 -21.14 -7.62 6.08
C MET A 351 -20.60 -6.39 6.80
N ALA A 352 -19.28 -6.31 6.94
CA ALA A 352 -18.67 -5.16 7.60
C ALA A 352 -19.01 -3.87 6.87
N MET A 353 -18.70 -3.82 5.57
CA MET A 353 -19.02 -2.64 4.78
C MET A 353 -20.52 -2.36 4.78
N ASP A 354 -21.36 -3.38 4.80
CA ASP A 354 -22.80 -3.15 4.78
C ASP A 354 -23.30 -2.65 6.13
N LEU A 355 -22.61 -3.01 7.22
CA LEU A 355 -22.96 -2.45 8.53
C LEU A 355 -22.80 -0.93 8.52
N CYS A 356 -21.72 -0.43 7.91
CA CYS A 356 -21.56 1.02 7.80
C CYS A 356 -22.57 1.62 6.83
N ARG A 357 -22.84 0.92 5.73
CA ARG A 357 -23.77 1.45 4.73
C ARG A 357 -25.15 1.70 5.32
N GLN A 358 -25.66 0.76 6.10
CA GLN A 358 -27.00 0.84 6.65
C GLN A 358 -27.09 1.67 7.91
N ASP A 359 -25.99 2.23 8.39
CA ASP A 359 -25.97 3.09 9.58
C ASP A 359 -25.68 4.52 9.14
N PRO A 360 -26.68 5.39 9.06
CA PRO A 360 -26.44 6.76 8.56
C PRO A 360 -25.43 7.53 9.40
N GLU A 361 -25.23 7.15 10.66
CA GLU A 361 -24.23 7.79 11.50
C GLU A 361 -22.80 7.39 11.13
N CYS A 362 -22.61 6.35 10.34
CA CYS A 362 -21.28 5.99 9.85
C CYS A 362 -20.88 6.97 8.76
N GLU A 363 -20.00 7.92 9.10
CA GLU A 363 -19.54 8.87 8.09
C GLU A 363 -18.37 8.34 7.28
N PHE A 364 -17.51 7.51 7.87
CA PHE A 364 -16.39 6.93 7.15
C PHE A 364 -16.24 5.46 7.50
N TYR A 365 -15.85 4.67 6.51
CA TYR A 365 -15.59 3.25 6.69
C TYR A 365 -14.10 3.00 6.50
N PHE A 366 -13.48 2.37 7.50
CA PHE A 366 -12.04 2.14 7.52
C PHE A 366 -11.80 0.64 7.61
N SER A 367 -11.39 0.03 6.51
CA SER A 367 -11.03 -1.39 6.48
C SER A 367 -9.54 -1.55 6.70
N LEU A 368 -9.18 -2.51 7.56
CA LEU A 368 -7.78 -2.72 7.93
C LEU A 368 -7.55 -4.21 8.14
N ASP A 369 -6.65 -4.78 7.35
CA ASP A 369 -6.33 -6.20 7.47
C ASP A 369 -5.24 -6.42 8.51
N ALA A 370 -5.16 -7.65 9.01
CA ALA A 370 -4.25 -7.96 10.11
C ALA A 370 -2.79 -7.87 9.69
N ASP A 371 -2.50 -8.09 8.40
CA ASP A 371 -1.11 -8.00 7.95
C ASP A 371 -0.66 -6.56 7.69
N ALA A 372 -1.49 -5.57 7.95
CA ALA A 372 -1.15 -4.17 7.77
C ALA A 372 -0.67 -3.59 9.10
N VAL A 373 0.58 -3.14 9.12
CA VAL A 373 1.19 -2.53 10.31
C VAL A 373 1.25 -1.03 10.08
N LEU A 374 0.49 -0.28 10.88
CA LEU A 374 0.41 1.17 10.76
C LEU A 374 1.39 1.78 11.77
N THR A 375 2.52 2.27 11.26
CA THR A 375 3.49 2.96 12.10
C THR A 375 3.11 4.42 12.34
N ASN A 376 2.24 4.98 11.49
CA ASN A 376 1.80 6.36 11.61
C ASN A 376 0.43 6.35 12.29
N LEU A 377 0.41 6.59 13.60
CA LEU A 377 -0.83 6.57 14.37
C LEU A 377 -1.85 7.61 13.88
N GLN A 378 -1.45 8.56 13.04
CA GLN A 378 -2.33 9.58 12.50
C GLN A 378 -2.94 9.18 11.15
N THR A 379 -2.88 7.91 10.78
CA THR A 379 -3.30 7.50 9.44
C THR A 379 -4.76 7.84 9.16
N LEU A 380 -5.65 7.51 10.09
CA LEU A 380 -7.08 7.73 9.87
C LEU A 380 -7.38 9.21 9.65
N ARG A 381 -6.80 10.07 10.48
CA ARG A 381 -6.95 11.51 10.30
C ARG A 381 -6.44 11.94 8.93
N ILE A 382 -5.19 11.60 8.63
CA ILE A 382 -4.57 12.01 7.38
C ILE A 382 -5.44 11.63 6.19
N LEU A 383 -5.92 10.38 6.18
CA LEU A 383 -6.74 9.93 5.06
C LEU A 383 -8.09 10.64 5.03
N ILE A 384 -8.73 10.79 6.19
CA ILE A 384 -10.04 11.45 6.23
C ILE A 384 -9.92 12.91 5.79
N GLU A 385 -8.80 13.57 6.12
CA GLU A 385 -8.63 14.95 5.72
C GLU A 385 -8.33 15.12 4.24
N GLU A 386 -8.04 14.04 3.52
CA GLU A 386 -7.80 14.13 2.08
C GLU A 386 -9.10 14.19 1.27
N ASN A 387 -10.25 13.94 1.90
CA ASN A 387 -11.55 14.24 1.30
C ASN A 387 -11.76 13.54 -0.04
N ARG A 388 -11.41 12.27 -0.11
CA ARG A 388 -11.67 11.45 -1.28
C ARG A 388 -12.79 10.47 -1.00
N LYS A 389 -13.32 9.87 -2.06
CA LYS A 389 -14.34 8.83 -1.87
C LYS A 389 -13.71 7.54 -1.35
N VAL A 390 -12.60 7.12 -1.95
CA VAL A 390 -11.85 5.96 -1.50
C VAL A 390 -10.37 6.34 -1.49
N ILE A 391 -9.69 6.10 -0.38
CA ILE A 391 -8.26 6.35 -0.33
C ILE A 391 -7.61 5.32 0.59
N ALA A 392 -6.41 4.88 0.22
CA ALA A 392 -5.65 3.86 0.89
C ALA A 392 -4.23 4.37 1.16
N PRO A 393 -3.68 4.13 2.35
CA PRO A 393 -2.29 4.50 2.61
C PRO A 393 -1.36 3.50 1.96
N MET A 394 -0.24 3.98 1.43
CA MET A 394 0.69 3.07 0.76
C MET A 394 1.49 2.32 1.81
N LEU A 395 1.38 1.01 1.79
CA LEU A 395 2.13 0.11 2.66
C LEU A 395 3.00 -0.79 1.81
N SER A 396 4.23 -1.00 2.23
CA SER A 396 5.17 -1.83 1.50
C SER A 396 5.75 -2.91 2.40
N ARG A 397 6.02 -4.07 1.82
CA ARG A 397 6.89 -5.03 2.49
C ARG A 397 8.27 -4.40 2.67
N HIS A 398 8.86 -4.61 3.84
CA HIS A 398 10.11 -3.95 4.18
C HIS A 398 11.20 -4.25 3.16
N GLY A 399 11.66 -3.21 2.48
CA GLY A 399 12.77 -3.36 1.55
C GLY A 399 12.48 -4.15 0.31
N LYS A 400 11.22 -4.28 -0.10
CA LYS A 400 10.84 -4.95 -1.33
C LYS A 400 9.81 -4.09 -2.06
N LEU A 401 9.53 -4.46 -3.31
CA LEU A 401 8.66 -3.63 -4.13
C LEU A 401 7.18 -3.92 -3.94
N TRP A 402 6.82 -5.11 -3.49
CA TRP A 402 5.42 -5.47 -3.33
C TRP A 402 4.74 -4.55 -2.33
N SER A 403 3.57 -4.04 -2.70
CA SER A 403 2.84 -3.08 -1.88
C SER A 403 1.38 -3.48 -1.87
N ASN A 404 0.55 -2.63 -1.26
CA ASN A 404 -0.88 -2.86 -1.16
C ASN A 404 -1.67 -2.26 -2.31
N PHE A 405 -1.01 -1.99 -3.43
CA PHE A 405 -1.69 -1.43 -4.59
C PHE A 405 -1.01 -1.91 -5.86
N TRP A 406 -1.77 -1.86 -6.95
CA TRP A 406 -1.25 -2.06 -8.30
C TRP A 406 -1.31 -0.73 -9.04
N GLY A 407 -0.35 -0.52 -9.92
CA GLY A 407 -0.35 0.66 -10.76
C GLY A 407 -0.92 0.41 -12.13
N ALA A 408 -1.09 -0.87 -12.48
CA ALA A 408 -1.53 -1.23 -13.82
C ALA A 408 -2.17 -2.61 -13.79
N LEU A 409 -2.85 -2.93 -14.90
CA LEU A 409 -3.62 -4.16 -15.03
C LEU A 409 -3.28 -4.87 -16.34
N SER A 410 -3.15 -6.18 -16.28
CA SER A 410 -3.08 -6.97 -17.49
C SER A 410 -4.45 -6.98 -18.15
N PRO A 411 -4.51 -7.23 -19.46
CA PRO A 411 -5.82 -7.28 -20.15
C PRO A 411 -6.86 -8.15 -19.46
N ASP A 412 -6.48 -9.34 -18.98
CA ASP A 412 -7.40 -10.18 -18.23
C ASP A 412 -7.31 -9.95 -16.72
N GLU A 413 -6.94 -8.74 -16.30
CA GLU A 413 -7.08 -8.27 -14.92
C GLU A 413 -6.18 -9.03 -13.94
N TYR A 414 -4.90 -9.13 -14.28
CA TYR A 414 -3.88 -9.60 -13.36
C TYR A 414 -2.93 -8.43 -13.07
N TYR A 415 -1.99 -8.65 -12.16
CA TYR A 415 -1.03 -7.60 -11.83
C TYR A 415 -0.18 -7.27 -13.04
N ALA A 416 0.12 -5.98 -13.20
CA ALA A 416 1.10 -5.49 -14.14
C ALA A 416 1.82 -4.30 -13.52
N ARG A 417 3.08 -4.12 -13.88
CA ARG A 417 3.87 -3.01 -13.35
C ARG A 417 3.68 -1.79 -14.24
N SER A 418 3.21 -0.69 -13.64
CA SER A 418 3.03 0.55 -14.37
C SER A 418 4.37 1.26 -14.59
N GLU A 419 4.37 2.18 -15.55
CA GLU A 419 5.59 2.90 -15.89
C GLU A 419 6.19 3.62 -14.70
N ASP A 420 5.36 4.00 -13.72
CA ASP A 420 5.82 4.79 -12.58
C ASP A 420 5.65 4.07 -11.24
N TYR A 421 5.47 2.75 -11.26
CA TYR A 421 5.21 2.02 -10.02
C TYR A 421 6.39 2.13 -9.05
N VAL A 422 7.59 1.75 -9.50
CA VAL A 422 8.75 1.75 -8.62
C VAL A 422 9.02 3.14 -8.08
N GLU A 423 8.81 4.16 -8.92
CA GLU A 423 8.96 5.54 -8.47
C GLU A 423 8.05 5.85 -7.27
N LEU A 424 6.83 5.30 -7.30
CA LEU A 424 5.88 5.56 -6.20
C LEU A 424 6.26 4.76 -4.96
N VAL A 425 6.52 3.46 -5.12
CA VAL A 425 6.86 2.62 -3.98
C VAL A 425 8.11 3.13 -3.28
N GLN A 426 9.10 3.59 -4.04
CA GLN A 426 10.31 4.15 -3.46
C GLN A 426 10.15 5.59 -3.00
N ARG A 427 8.94 6.16 -3.16
CA ARG A 427 8.64 7.51 -2.70
C ARG A 427 9.58 8.54 -3.32
N LYS A 428 9.95 8.31 -4.58
CA LYS A 428 10.62 9.31 -5.38
C LYS A 428 9.64 10.35 -5.90
N ARG A 429 8.41 9.95 -6.17
CA ARG A 429 7.28 10.85 -6.40
C ARG A 429 6.25 10.56 -5.32
N VAL A 430 5.80 11.62 -4.63
CA VAL A 430 4.86 11.46 -3.53
C VAL A 430 3.63 12.33 -3.78
N GLY A 431 2.48 11.80 -3.39
CA GLY A 431 1.21 12.46 -3.65
C GLY A 431 0.07 11.49 -3.43
N VAL A 432 -1.09 11.85 -3.99
CA VAL A 432 -2.29 11.01 -3.91
C VAL A 432 -2.63 10.59 -5.33
N TRP A 433 -2.55 9.28 -5.59
CA TRP A 433 -2.55 8.74 -6.94
C TRP A 433 -3.81 7.95 -7.23
N ASN A 434 -4.31 8.10 -8.45
CA ASN A 434 -5.45 7.34 -8.95
C ASN A 434 -4.92 6.01 -9.50
N VAL A 435 -5.24 4.92 -8.82
CA VAL A 435 -4.67 3.62 -9.15
C VAL A 435 -5.78 2.61 -9.34
N PRO A 436 -5.54 1.56 -10.14
CA PRO A 436 -6.60 0.60 -10.42
C PRO A 436 -6.87 -0.42 -9.32
N TYR A 437 -5.95 -0.60 -8.37
CA TYR A 437 -6.13 -1.65 -7.36
C TYR A 437 -5.52 -1.20 -6.03
N ILE A 438 -6.29 -1.34 -4.96
CA ILE A 438 -5.82 -1.10 -3.60
C ILE A 438 -6.28 -2.25 -2.72
N SER A 439 -5.62 -2.42 -1.57
CA SER A 439 -5.92 -3.52 -0.67
C SER A 439 -5.40 -3.24 0.72
N GLN A 440 -5.85 -4.07 1.67
CA GLN A 440 -5.29 -4.20 3.03
C GLN A 440 -5.62 -3.05 3.97
N ALA A 441 -5.80 -1.84 3.43
CA ALA A 441 -6.17 -0.70 4.24
C ALA A 441 -6.74 0.38 3.33
N TYR A 442 -7.93 0.87 3.65
CA TYR A 442 -8.53 1.95 2.87
C TYR A 442 -9.68 2.56 3.64
N VAL A 443 -9.98 3.82 3.33
CA VAL A 443 -10.99 4.61 4.01
C VAL A 443 -12.01 5.05 2.97
N ILE A 444 -13.27 4.69 3.17
CA ILE A 444 -14.33 4.89 2.19
C ILE A 444 -15.39 5.83 2.78
N ARG A 445 -15.76 6.85 2.02
CA ARG A 445 -16.84 7.75 2.41
C ARG A 445 -18.12 6.96 2.58
N GLY A 446 -18.83 7.21 3.71
CA GLY A 446 -20.06 6.49 3.97
C GLY A 446 -21.15 6.78 2.96
N ASP A 447 -21.25 8.04 2.53
CA ASP A 447 -22.25 8.41 1.54
C ASP A 447 -22.04 7.70 0.21
N THR A 448 -20.79 7.41 -0.14
CA THR A 448 -20.51 6.66 -1.37
C THR A 448 -21.10 5.26 -1.29
N LEU A 449 -20.94 4.60 -0.15
CA LEU A 449 -21.58 3.30 0.05
C LEU A 449 -23.09 3.40 -0.06
N ARG A 450 -23.65 4.54 0.37
CA ARG A 450 -25.10 4.69 0.39
C ARG A 450 -25.65 5.05 -0.98
N MET A 451 -25.04 6.02 -1.66
CA MET A 451 -25.59 6.60 -2.87
CA MET A 451 -25.60 6.60 -2.87
C MET A 451 -25.01 6.02 -4.15
N GLU A 452 -23.79 5.48 -4.13
CA GLU A 452 -23.17 5.02 -5.37
C GLU A 452 -22.88 3.54 -5.41
N LEU A 453 -22.55 2.90 -4.28
CA LEU A 453 -22.36 1.45 -4.21
C LEU A 453 -23.33 0.86 -3.20
N PRO A 454 -24.63 0.90 -3.49
CA PRO A 454 -25.61 0.44 -2.50
C PRO A 454 -25.80 -1.07 -2.48
N GLN A 455 -25.17 -1.81 -3.40
CA GLN A 455 -25.36 -3.25 -3.43
C GLN A 455 -24.58 -3.91 -2.30
N ARG A 456 -25.10 -5.05 -1.84
CA ARG A 456 -24.42 -5.81 -0.80
C ARG A 456 -23.23 -6.56 -1.38
N ASP A 457 -23.35 -7.05 -2.62
CA ASP A 457 -22.34 -7.90 -3.23
C ASP A 457 -21.23 -7.05 -3.85
N VAL A 458 -20.40 -6.50 -2.97
CA VAL A 458 -19.21 -5.76 -3.40
C VAL A 458 -18.02 -6.69 -3.54
N PHE A 459 -17.71 -7.47 -2.51
CA PHE A 459 -16.56 -8.35 -2.50
C PHE A 459 -16.84 -9.75 -3.05
N SER A 460 -18.11 -10.15 -3.15
CA SER A 460 -18.44 -11.51 -3.54
C SER A 460 -19.47 -11.57 -4.67
N GLY A 461 -20.00 -12.75 -4.94
CA GLY A 461 -20.94 -12.96 -6.02
C GLY A 461 -20.33 -13.49 -7.30
N SER A 462 -19.00 -13.56 -7.39
CA SER A 462 -18.30 -14.09 -8.54
C SER A 462 -17.31 -15.15 -8.08
N ASP A 463 -16.69 -15.81 -9.05
CA ASP A 463 -15.51 -16.60 -8.76
C ASP A 463 -14.24 -15.76 -8.73
N THR A 464 -14.38 -14.45 -8.83
CA THR A 464 -13.26 -13.53 -8.72
C THR A 464 -12.84 -13.38 -7.26
N ASP A 465 -11.55 -13.11 -7.07
CA ASP A 465 -11.03 -12.88 -5.73
C ASP A 465 -11.76 -11.71 -5.08
N PRO A 466 -12.03 -11.77 -3.77
CA PRO A 466 -12.76 -10.66 -3.13
C PRO A 466 -12.07 -9.31 -3.27
N ASP A 467 -10.75 -9.25 -3.06
CA ASP A 467 -10.04 -7.99 -3.16
C ASP A 467 -10.11 -7.42 -4.57
N MET A 468 -10.11 -8.27 -5.59
CA MET A 468 -10.27 -7.79 -6.95
CA MET A 468 -10.26 -7.79 -6.95
C MET A 468 -11.71 -7.41 -7.24
N ALA A 469 -12.67 -8.16 -6.70
CA ALA A 469 -14.08 -7.82 -6.91
C ALA A 469 -14.42 -6.48 -6.29
N PHE A 470 -13.80 -6.15 -5.16
CA PHE A 470 -14.00 -4.85 -4.52
C PHE A 470 -13.55 -3.72 -5.43
N CYS A 471 -12.31 -3.79 -5.92
CA CYS A 471 -11.80 -2.75 -6.80
C CYS A 471 -12.58 -2.68 -8.10
N LYS A 472 -12.93 -3.84 -8.66
CA LYS A 472 -13.75 -3.86 -9.86
C LYS A 472 -15.10 -3.18 -9.63
N SER A 473 -15.72 -3.44 -8.47
CA SER A 473 -17.01 -2.85 -8.17
C SER A 473 -16.95 -1.32 -8.21
N PHE A 474 -15.85 -0.73 -7.73
CA PHE A 474 -15.75 0.72 -7.72
C PHE A 474 -15.36 1.27 -9.09
N ARG A 475 -14.50 0.57 -9.82
CA ARG A 475 -14.14 1.01 -11.17
C ARG A 475 -15.37 0.99 -12.09
N ASP A 476 -16.23 -0.01 -11.94
CA ASP A 476 -17.41 -0.10 -12.80
C ASP A 476 -18.36 1.07 -12.58
N LYS A 477 -18.36 1.66 -11.38
CA LYS A 477 -19.18 2.82 -11.09
C LYS A 477 -18.44 4.13 -11.34
N GLY A 478 -17.22 4.09 -11.83
CA GLY A 478 -16.49 5.30 -12.09
C GLY A 478 -15.90 5.98 -10.87
N ILE A 479 -15.80 5.25 -9.75
CA ILE A 479 -15.17 5.79 -8.56
C ILE A 479 -13.66 5.64 -8.70
N PHE A 480 -12.92 6.61 -8.16
CA PHE A 480 -11.48 6.57 -8.17
C PHE A 480 -10.97 5.87 -6.92
N LEU A 481 -9.95 5.04 -7.09
CA LEU A 481 -9.26 4.39 -5.99
C LEU A 481 -7.96 5.15 -5.76
N HIS A 482 -7.93 5.94 -4.69
CA HIS A 482 -6.78 6.79 -4.43
C HIS A 482 -5.78 6.10 -3.51
N LEU A 483 -4.50 6.36 -3.74
CA LEU A 483 -3.41 5.80 -2.95
C LEU A 483 -2.47 6.92 -2.55
N SER A 484 -2.35 7.15 -1.25
CA SER A 484 -1.50 8.21 -0.73
C SER A 484 -0.18 7.62 -0.25
N ASN A 485 0.92 8.10 -0.85
CA ASN A 485 2.25 7.93 -0.28
C ASN A 485 2.83 9.27 0.16
N GLN A 486 1.97 10.26 0.37
CA GLN A 486 2.38 11.58 0.85
C GLN A 486 3.11 11.50 2.18
N HIS A 487 2.88 10.45 2.97
CA HIS A 487 3.60 10.24 4.21
C HIS A 487 4.03 8.78 4.31
N GLU A 488 4.96 8.54 5.23
CA GLU A 488 5.26 7.19 5.65
CA GLU A 488 5.26 7.19 5.65
C GLU A 488 4.10 6.67 6.51
N PHE A 489 3.39 5.68 6.02
CA PHE A 489 2.23 5.17 6.73
C PHE A 489 2.50 3.88 7.51
N GLY A 490 3.19 2.92 6.89
CA GLY A 490 3.51 1.68 7.58
C GLY A 490 4.16 0.63 6.70
N ARG A 491 3.87 -0.64 6.97
CA ARG A 491 4.47 -1.73 6.22
C ARG A 491 3.50 -2.92 6.20
N LEU A 492 3.88 -3.94 5.44
CA LEU A 492 3.07 -5.14 5.28
C LEU A 492 3.83 -6.35 5.83
N LEU A 493 3.17 -7.11 6.70
CA LEU A 493 3.76 -8.32 7.23
C LEU A 493 3.78 -9.41 6.16
N ALA A 494 4.84 -10.20 6.16
CA ALA A 494 4.89 -11.41 5.36
C ALA A 494 4.16 -12.52 6.11
N THR A 495 3.06 -12.99 5.54
CA THR A 495 2.25 -14.03 6.16
C THR A 495 2.27 -15.34 5.37
N SER A 496 3.04 -15.40 4.29
CA SER A 496 2.99 -16.50 3.33
C SER A 496 3.10 -17.88 3.98
N ARG A 497 4.29 -18.23 4.48
CA ARG A 497 4.45 -19.53 5.13
C ARG A 497 4.75 -19.37 6.62
N TYR A 498 3.80 -18.78 7.33
CA TYR A 498 3.86 -18.67 8.78
C TYR A 498 3.70 -20.06 9.40
N ASP A 499 4.73 -20.53 10.10
CA ASP A 499 4.68 -21.83 10.75
C ASP A 499 3.93 -21.69 12.08
N THR A 500 2.78 -22.36 12.17
CA THR A 500 1.89 -22.27 13.33
C THR A 500 2.15 -23.35 14.37
N GLU A 501 2.90 -24.39 14.02
CA GLU A 501 3.12 -25.54 14.91
C GLU A 501 4.31 -25.27 15.83
N HIS A 502 4.13 -24.27 16.70
CA HIS A 502 5.03 -24.01 17.81
C HIS A 502 4.19 -23.53 18.99
N LEU A 503 4.80 -23.51 20.17
CA LEU A 503 4.13 -22.87 21.31
C LEU A 503 4.08 -21.37 21.12
N HIS A 504 5.11 -20.78 20.50
CA HIS A 504 5.17 -19.35 20.26
C HIS A 504 5.69 -19.12 18.85
N PRO A 505 4.83 -19.21 17.83
CA PRO A 505 5.29 -19.09 16.45
C PRO A 505 6.05 -17.81 16.13
N ASP A 506 5.72 -16.70 16.80
CA ASP A 506 6.40 -15.44 16.50
C ASP A 506 7.88 -15.49 16.85
N LEU A 507 8.31 -16.47 17.64
CA LEU A 507 9.73 -16.64 17.91
C LEU A 507 10.49 -17.02 16.66
N TRP A 508 9.85 -17.73 15.73
CA TRP A 508 10.48 -18.20 14.51
C TRP A 508 10.36 -17.20 13.35
N GLN A 509 9.98 -15.96 13.65
CA GLN A 509 9.69 -14.98 12.61
C GLN A 509 10.85 -14.02 12.36
N ILE A 510 12.07 -14.37 12.79
CA ILE A 510 13.19 -13.45 12.64
C ILE A 510 13.63 -13.30 11.19
N PHE A 511 13.25 -14.23 10.31
CA PHE A 511 13.62 -14.12 8.90
C PHE A 511 12.57 -13.39 8.09
N ASP A 512 11.31 -13.81 8.18
CA ASP A 512 10.27 -13.25 7.32
C ASP A 512 9.96 -11.80 7.69
N ASN A 513 9.89 -11.49 8.98
CA ASN A 513 9.52 -10.17 9.46
C ASN A 513 10.56 -9.67 10.45
N PRO A 514 11.76 -9.34 9.98
CA PRO A 514 12.84 -8.96 10.91
C PRO A 514 12.60 -7.64 11.63
N VAL A 515 11.97 -6.66 10.98
CA VAL A 515 11.71 -5.39 11.65
C VAL A 515 10.76 -5.58 12.81
N ASP A 516 9.62 -6.25 12.57
CA ASP A 516 8.67 -6.50 13.66
C ASP A 516 9.24 -7.47 14.69
N TRP A 517 10.06 -8.43 14.25
CA TRP A 517 10.67 -9.36 15.20
C TRP A 517 11.60 -8.62 16.15
N LYS A 518 12.35 -7.64 15.65
CA LYS A 518 13.22 -6.86 16.52
C LYS A 518 12.42 -6.08 17.55
N GLU A 519 11.35 -5.43 17.11
CA GLU A 519 10.55 -4.61 18.03
C GLU A 519 9.95 -5.44 19.16
N GLN A 520 9.68 -6.72 18.90
CA GLN A 520 9.07 -7.56 19.92
C GLN A 520 10.09 -8.26 20.81
N TYR A 521 11.20 -8.73 20.25
CA TYR A 521 12.07 -9.66 20.96
C TYR A 521 13.44 -9.12 21.34
N ILE A 522 13.91 -8.09 20.67
CA ILE A 522 15.17 -7.44 21.07
C ILE A 522 14.87 -6.40 22.13
N HIS A 523 15.77 -6.28 23.11
CA HIS A 523 15.61 -5.29 24.18
C HIS A 523 15.38 -3.90 23.58
N GLU A 524 14.52 -3.13 24.24
CA GLU A 524 14.18 -1.80 23.72
C GLU A 524 15.39 -0.88 23.71
N ASN A 525 16.29 -1.04 24.66
CA ASN A 525 17.47 -0.19 24.78
C ASN A 525 18.71 -0.79 24.14
N TYR A 526 18.58 -1.91 23.43
CA TYR A 526 19.72 -2.48 22.74
C TYR A 526 20.35 -1.47 21.80
N SER A 527 19.54 -0.87 20.92
CA SER A 527 20.06 0.00 19.87
C SER A 527 20.82 1.18 20.46
N ARG A 528 20.27 1.82 21.49
CA ARG A 528 20.96 2.95 22.10
C ARG A 528 22.22 2.53 22.82
N ALA A 529 22.26 1.30 23.34
CA ALA A 529 23.50 0.77 23.92
C ALA A 529 24.55 0.52 22.84
N LEU A 530 24.11 0.13 21.64
CA LEU A 530 25.04 -0.09 20.53
C LEU A 530 25.65 1.22 20.05
N GLU A 531 24.90 2.32 20.14
CA GLU A 531 25.35 3.61 19.67
C GLU A 531 26.12 4.39 20.73
N GLY A 532 26.57 3.73 21.78
CA GLY A 532 27.25 4.40 22.89
C GLY A 532 26.28 4.74 24.00
N GLU A 533 26.21 6.02 24.36
CA GLU A 533 25.25 6.55 25.33
C GLU A 533 25.44 5.99 26.73
N GLY A 534 26.44 5.13 26.91
CA GLY A 534 26.83 4.69 28.24
C GLY A 534 25.88 3.73 28.91
N ILE A 535 25.16 2.92 28.14
CA ILE A 535 24.31 1.88 28.74
C ILE A 535 25.11 0.61 28.99
N VAL A 536 26.04 0.27 28.09
CA VAL A 536 26.89 -0.90 28.29
C VAL A 536 27.72 -0.71 29.55
N GLU A 537 27.88 -1.79 30.31
CA GLU A 537 28.70 -1.79 31.51
C GLU A 537 29.82 -2.82 31.37
N GLN A 538 30.82 -2.69 32.23
CA GLN A 538 31.96 -3.61 32.27
C GLN A 538 32.19 -4.01 33.72
N PRO A 539 31.35 -4.89 34.26
CA PRO A 539 31.42 -5.19 35.70
C PRO A 539 32.73 -5.81 36.13
N CYS A 540 33.32 -6.65 35.29
CA CYS A 540 34.62 -7.26 35.54
C CYS A 540 35.51 -7.02 34.34
N PRO A 541 36.83 -7.07 34.52
CA PRO A 541 37.73 -6.70 33.42
C PRO A 541 37.50 -7.56 32.17
N ASP A 542 37.21 -6.89 31.06
CA ASP A 542 36.95 -7.50 29.76
C ASP A 542 35.71 -8.38 29.75
N VAL A 543 34.82 -8.20 30.72
CA VAL A 543 33.49 -8.83 30.70
C VAL A 543 32.47 -7.71 30.50
N TYR A 544 31.91 -7.63 29.30
CA TYR A 544 30.97 -6.58 28.97
C TYR A 544 29.53 -7.05 29.17
N TRP A 545 28.67 -6.09 29.51
CA TRP A 545 27.31 -6.34 29.98
C TRP A 545 26.39 -5.38 29.25
N PHE A 546 25.42 -5.90 28.51
CA PHE A 546 24.59 -5.05 27.67
C PHE A 546 23.19 -5.65 27.54
N PRO A 547 22.17 -4.83 27.34
CA PRO A 547 20.79 -5.35 27.19
C PRO A 547 20.58 -5.91 25.79
N LEU A 548 20.09 -7.15 25.73
CA LEU A 548 19.98 -7.87 24.46
C LEU A 548 18.56 -8.31 24.17
N LEU A 549 17.96 -9.12 25.03
CA LEU A 549 16.64 -9.68 24.78
C LEU A 549 15.59 -8.98 25.64
N SER A 550 14.41 -8.78 25.05
CA SER A 550 13.29 -8.22 25.81
C SER A 550 12.72 -9.28 26.75
N GLU A 551 11.95 -8.79 27.74
CA GLU A 551 11.34 -9.71 28.70
C GLU A 551 10.45 -10.73 28.00
N GLN A 552 9.74 -10.30 26.95
CA GLN A 552 8.87 -11.22 26.23
C GLN A 552 9.65 -12.35 25.59
N MET A 553 10.81 -12.02 24.99
CA MET A 553 11.65 -13.05 24.38
C MET A 553 12.09 -14.08 25.41
N CYS A 554 12.56 -13.62 26.58
CA CYS A 554 13.00 -14.52 27.62
C CYS A 554 11.88 -15.44 28.07
N ASP A 555 10.73 -14.85 28.41
CA ASP A 555 9.59 -15.65 28.86
C ASP A 555 9.16 -16.64 27.79
N GLU A 556 9.12 -16.22 26.53
CA GLU A 556 8.73 -17.13 25.46
C GLU A 556 9.82 -18.16 25.17
N LEU A 557 11.09 -17.80 25.33
CA LEU A 557 12.16 -18.76 25.06
C LEU A 557 12.23 -19.83 26.14
N VAL A 558 12.17 -19.42 27.40
CA VAL A 558 12.06 -20.39 28.50
C VAL A 558 10.88 -21.32 28.25
N ALA A 559 9.72 -20.73 27.93
CA ALA A 559 8.50 -21.51 27.73
C ALA A 559 8.68 -22.55 26.64
N GLU A 560 9.28 -22.15 25.52
CA GLU A 560 9.49 -23.10 24.42
C GLU A 560 10.43 -24.22 24.82
N MET A 561 11.42 -23.93 25.66
CA MET A 561 12.31 -24.98 26.15
C MET A 561 11.55 -25.97 27.04
N GLU A 562 10.81 -25.47 28.02
CA GLU A 562 10.08 -26.36 28.92
C GLU A 562 8.99 -27.12 28.18
N HIS A 563 8.46 -26.55 27.11
CA HIS A 563 7.48 -27.27 26.30
C HIS A 563 8.11 -28.47 25.61
N TYR A 564 9.38 -28.36 25.20
CA TYR A 564 10.11 -29.53 24.74
C TYR A 564 10.32 -30.51 25.88
N GLY A 565 10.88 -30.04 26.99
CA GLY A 565 10.86 -30.77 28.24
C GLY A 565 11.85 -31.90 28.39
N GLN A 566 12.75 -32.11 27.43
CA GLN A 566 13.72 -33.20 27.50
C GLN A 566 15.11 -32.62 27.71
N TRP A 567 15.45 -32.42 28.97
CA TRP A 567 16.72 -31.85 29.39
C TRP A 567 17.80 -32.94 29.45
N SER A 568 19.05 -32.50 29.35
CA SER A 568 20.18 -33.40 29.44
C SER A 568 20.45 -33.78 30.90
N GLY A 569 21.44 -34.64 31.11
CA GLY A 569 21.80 -35.06 32.45
C GLY A 569 23.02 -35.95 32.45
N GLY A 570 22.88 -37.18 32.94
CA GLY A 570 23.97 -38.13 32.88
C GLY A 570 24.34 -38.45 31.44
N ARG A 571 25.65 -38.56 31.20
CA ARG A 571 26.31 -38.82 29.92
C ARG A 571 26.41 -37.58 29.04
N HIS A 572 25.79 -36.46 29.42
CA HIS A 572 25.80 -35.29 28.57
C HIS A 572 27.19 -34.66 28.53
N GLU A 573 27.67 -34.36 27.33
CA GLU A 573 29.02 -33.82 27.14
C GLU A 573 28.95 -32.45 26.49
N ASP A 574 29.58 -31.47 27.12
CA ASP A 574 29.67 -30.11 26.63
C ASP A 574 31.10 -29.77 26.25
N SER A 575 31.25 -28.74 25.42
CA SER A 575 32.56 -28.31 24.94
C SER A 575 33.24 -27.36 25.91
N ARG A 576 33.31 -27.74 27.17
CA ARG A 576 34.03 -26.97 28.18
C ARG A 576 35.36 -27.63 28.50
N LEU A 577 36.29 -26.82 28.99
CA LEU A 577 37.64 -27.27 29.32
C LEU A 577 37.89 -26.95 30.78
N ALA A 578 38.07 -27.98 31.60
CA ALA A 578 38.41 -27.81 33.01
C ALA A 578 39.38 -28.91 33.42
N GLY A 579 40.48 -28.51 34.04
CA GLY A 579 41.47 -29.43 34.57
C GLY A 579 41.80 -30.59 33.64
N GLY A 580 42.19 -30.28 32.40
CA GLY A 580 42.46 -31.33 31.44
C GLY A 580 41.19 -31.98 30.93
N TYR A 581 41.09 -33.30 31.08
CA TYR A 581 39.95 -34.04 30.56
C TYR A 581 39.12 -34.59 31.72
N GLU A 582 38.19 -33.74 32.19
CA GLU A 582 37.11 -34.10 33.11
C GLU A 582 35.90 -33.28 32.65
N ASN A 583 35.26 -33.74 31.58
CA ASN A 583 34.30 -32.93 30.85
C ASN A 583 33.18 -32.44 31.76
N VAL A 584 32.83 -31.16 31.59
CA VAL A 584 31.95 -30.44 32.51
C VAL A 584 30.57 -30.40 31.88
N PRO A 585 29.56 -31.03 32.47
CA PRO A 585 28.22 -31.00 31.87
C PRO A 585 27.30 -29.96 32.49
N THR A 586 26.22 -29.66 31.77
CA THR A 586 25.12 -28.86 32.28
C THR A 586 23.81 -29.56 31.92
N VAL A 587 22.77 -29.27 32.71
CA VAL A 587 21.41 -29.63 32.31
C VAL A 587 20.94 -28.57 31.33
N ASP A 588 20.68 -28.97 30.10
CA ASP A 588 20.47 -27.97 29.06
C ASP A 588 19.74 -28.59 27.87
N ILE A 589 19.25 -27.70 27.01
CA ILE A 589 18.68 -28.05 25.72
C ILE A 589 19.38 -27.20 24.66
N HIS A 590 19.87 -27.87 23.62
CA HIS A 590 20.52 -27.18 22.51
C HIS A 590 19.48 -26.71 21.51
N MET A 591 19.70 -25.52 20.94
CA MET A 591 18.77 -24.96 19.96
C MET A 591 18.45 -25.96 18.86
N LYS A 592 19.43 -26.77 18.47
CA LYS A 592 19.25 -27.78 17.44
C LYS A 592 18.12 -28.74 17.80
N GLN A 593 17.99 -29.08 19.08
CA GLN A 593 16.99 -30.06 19.51
C GLN A 593 15.57 -29.54 19.29
N VAL A 594 15.30 -28.29 19.71
CA VAL A 594 13.98 -27.70 19.53
C VAL A 594 13.78 -27.12 18.14
N GLY A 595 14.79 -27.18 17.28
CA GLY A 595 14.66 -26.65 15.94
C GLY A 595 14.80 -25.15 15.82
N TYR A 596 15.52 -24.50 16.74
CA TYR A 596 15.67 -23.05 16.74
C TYR A 596 17.11 -22.62 16.50
N GLU A 597 17.95 -23.50 15.94
CA GLU A 597 19.35 -23.14 15.78
C GLU A 597 19.54 -22.05 14.73
N ASP A 598 18.98 -22.26 13.53
CA ASP A 598 19.15 -21.28 12.46
C ASP A 598 18.61 -19.90 12.87
N GLN A 599 17.53 -19.88 13.64
CA GLN A 599 16.99 -18.61 14.11
C GLN A 599 17.95 -17.93 15.08
N TRP A 600 18.52 -18.70 16.01
CA TRP A 600 19.42 -18.11 17.00
C TRP A 600 20.71 -17.62 16.36
N LEU A 601 21.25 -18.39 15.40
CA LEU A 601 22.43 -17.93 14.68
C LEU A 601 22.18 -16.62 13.97
N GLN A 602 20.96 -16.45 13.42
CA GLN A 602 20.62 -15.18 12.78
C GLN A 602 20.61 -14.03 13.78
N LEU A 603 20.09 -14.28 14.99
CA LEU A 603 20.17 -13.28 16.05
C LEU A 603 21.63 -12.95 16.35
N LEU A 604 22.46 -13.98 16.46
CA LEU A 604 23.90 -13.76 16.70
C LEU A 604 24.51 -12.89 15.61
N ARG A 605 24.23 -13.23 14.34
CA ARG A 605 24.78 -12.48 13.23
C ARG A 605 24.35 -11.02 13.27
N THR A 606 23.06 -10.77 13.50
CA THR A 606 22.51 -9.42 13.36
C THR A 606 22.80 -8.53 14.57
N TYR A 607 22.80 -9.09 15.78
CA TYR A 607 22.80 -8.28 16.98
C TYR A 607 23.97 -8.52 17.92
N VAL A 608 24.52 -9.72 17.98
CA VAL A 608 25.64 -9.99 18.89
C VAL A 608 26.98 -9.67 18.24
N GLY A 609 27.11 -9.95 16.94
CA GLY A 609 28.31 -9.63 16.21
C GLY A 609 28.70 -8.17 16.29
N PRO A 610 27.83 -7.28 15.80
CA PRO A 610 28.14 -5.84 15.87
C PRO A 610 28.33 -5.34 17.30
N MET A 611 27.64 -5.91 18.28
CA MET A 611 27.92 -5.54 19.66
C MET A 611 29.34 -5.93 20.06
N THR A 612 29.77 -7.12 19.66
CA THR A 612 31.11 -7.58 19.98
C THR A 612 32.18 -6.74 19.30
N GLU A 613 31.99 -6.43 18.02
CA GLU A 613 32.96 -5.63 17.29
C GLU A 613 33.02 -4.20 17.81
N SER A 614 31.95 -3.71 18.43
CA SER A 614 31.97 -2.37 19.02
C SER A 614 32.74 -2.36 20.34
N LEU A 615 32.61 -3.42 21.14
CA LEU A 615 33.20 -3.44 22.46
C LEU A 615 34.64 -3.89 22.46
N PHE A 616 35.06 -4.66 21.45
CA PHE A 616 36.44 -5.11 21.31
C PHE A 616 36.99 -4.56 20.00
N PRO A 617 37.36 -3.27 19.97
CA PRO A 617 37.86 -2.67 18.72
C PRO A 617 39.05 -3.44 18.19
N GLY A 618 38.98 -3.80 16.91
CA GLY A 618 40.00 -4.62 16.29
C GLY A 618 39.51 -6.00 15.94
N TYR A 619 38.65 -6.56 16.80
CA TYR A 619 38.14 -7.91 16.58
C TYR A 619 37.05 -7.91 15.51
N HIS A 620 37.04 -8.95 14.68
CA HIS A 620 36.01 -9.16 13.69
C HIS A 620 35.45 -10.56 13.81
N THR A 621 34.14 -10.68 13.59
CA THR A 621 33.43 -11.94 13.75
C THR A 621 32.30 -12.01 12.75
N LYS A 622 31.94 -13.23 12.37
CA LYS A 622 30.71 -13.50 11.66
C LYS A 622 29.76 -14.36 12.48
N ALA A 623 29.97 -14.38 13.80
CA ALA A 623 29.07 -15.02 14.76
C ALA A 623 28.85 -16.49 14.44
N ARG A 624 29.96 -17.22 14.25
CA ARG A 624 29.91 -18.66 14.16
C ARG A 624 29.67 -19.24 15.55
N ALA A 625 28.78 -20.24 15.63
CA ALA A 625 28.53 -20.89 16.91
C ALA A 625 28.00 -22.29 16.66
N VAL A 626 28.76 -23.30 17.08
CA VAL A 626 28.28 -24.66 17.03
C VAL A 626 27.51 -25.02 18.30
N MET A 627 27.89 -24.45 19.44
CA MET A 627 27.27 -24.74 20.73
C MET A 627 26.36 -23.56 21.12
N ASN A 628 25.06 -23.78 21.03
CA ASN A 628 24.05 -22.84 21.53
C ASN A 628 23.03 -23.64 22.33
N PHE A 629 22.80 -23.23 23.58
CA PHE A 629 21.97 -24.02 24.48
C PHE A 629 21.51 -23.18 25.66
N VAL A 630 20.39 -23.61 26.25
CA VAL A 630 19.81 -22.97 27.44
C VAL A 630 20.07 -23.87 28.63
N VAL A 631 20.64 -23.31 29.70
CA VAL A 631 20.98 -24.06 30.91
C VAL A 631 19.90 -23.83 31.95
N ARG A 632 19.60 -24.87 32.74
CA ARG A 632 18.68 -24.78 33.86
C ARG A 632 19.43 -25.13 35.14
N TYR A 633 19.29 -24.29 36.16
CA TYR A 633 19.89 -24.53 37.48
C TYR A 633 18.78 -24.63 38.51
N ARG A 634 18.83 -25.68 39.32
CA ARG A 634 17.89 -25.90 40.41
C ARG A 634 18.64 -26.53 41.57
N PRO A 635 18.25 -26.22 42.81
CA PRO A 635 18.85 -26.93 43.95
C PRO A 635 18.65 -28.43 43.88
N ASP A 636 17.59 -28.89 43.22
CA ASP A 636 17.22 -30.30 43.21
C ASP A 636 18.01 -31.13 42.18
N GLU A 637 18.53 -30.51 41.12
CA GLU A 637 19.29 -31.30 40.15
C GLU A 637 20.73 -30.83 39.99
N GLN A 638 20.99 -29.80 39.18
CA GLN A 638 22.34 -29.26 39.05
C GLN A 638 22.35 -27.77 39.38
N PRO A 639 22.72 -27.39 40.59
CA PRO A 639 22.63 -25.98 40.99
C PRO A 639 23.79 -25.11 40.53
N SER A 640 24.94 -25.70 40.19
CA SER A 640 26.16 -24.92 40.00
C SER A 640 26.90 -25.42 38.76
N LEU A 641 28.02 -24.78 38.47
CA LEU A 641 28.87 -25.13 37.34
C LEU A 641 30.32 -24.81 37.73
N ARG A 642 31.13 -25.85 37.88
CA ARG A 642 32.47 -25.74 38.46
C ARG A 642 33.41 -24.95 37.54
N PRO A 643 34.59 -24.55 38.04
CA PRO A 643 35.49 -23.73 37.22
C PRO A 643 35.90 -24.42 35.93
N HIS A 644 35.98 -23.65 34.86
CA HIS A 644 36.24 -24.20 33.53
C HIS A 644 36.46 -23.07 32.54
N HIS A 645 36.99 -23.44 31.38
CA HIS A 645 37.06 -22.56 30.21
C HIS A 645 36.02 -22.98 29.19
N ASP A 646 35.86 -22.16 28.17
CA ASP A 646 34.92 -22.41 27.08
C ASP A 646 35.65 -22.67 25.77
N SER A 647 35.05 -23.54 24.95
CA SER A 647 35.53 -23.77 23.59
C SER A 647 34.93 -22.68 22.71
N SER A 648 35.51 -21.48 22.82
CA SER A 648 34.97 -20.30 22.18
C SER A 648 36.01 -19.19 22.22
N THR A 649 35.99 -18.34 21.19
CA THR A 649 36.76 -17.10 21.25
C THR A 649 36.12 -16.13 22.24
N PHE A 650 34.80 -15.98 22.18
CA PHE A 650 34.09 -15.28 23.23
C PHE A 650 32.77 -16.01 23.50
N THR A 651 32.18 -15.71 24.66
CA THR A 651 31.00 -16.41 25.15
C THR A 651 29.88 -15.41 25.41
N LEU A 652 28.66 -15.78 25.02
CA LEU A 652 27.46 -14.97 25.23
C LEU A 652 26.64 -15.60 26.34
N ASN A 653 26.38 -14.85 27.41
CA ASN A 653 25.70 -15.37 28.59
C ASN A 653 24.51 -14.46 28.88
N VAL A 654 23.31 -14.90 28.50
CA VAL A 654 22.10 -14.10 28.60
C VAL A 654 21.23 -14.66 29.72
N ALA A 655 20.93 -13.83 30.72
CA ALA A 655 19.96 -14.22 31.73
C ALA A 655 18.58 -14.25 31.10
N LEU A 656 17.74 -15.19 31.54
CA LEU A 656 16.41 -15.36 30.97
C LEU A 656 15.29 -15.16 31.97
N ASN A 657 15.60 -14.87 33.23
CA ASN A 657 14.55 -14.62 34.22
C ASN A 657 15.14 -13.81 35.37
N HIS A 658 14.27 -13.40 36.29
CA HIS A 658 14.61 -12.45 37.34
C HIS A 658 15.25 -13.15 38.53
N LYS A 659 16.39 -12.62 38.97
CA LYS A 659 16.94 -12.97 40.27
C LYS A 659 16.02 -12.46 41.37
N GLY A 660 15.75 -13.32 42.36
CA GLY A 660 14.85 -12.95 43.43
C GLY A 660 13.44 -13.42 43.20
N LEU A 661 12.84 -12.96 42.11
CA LEU A 661 11.47 -13.39 41.78
C LEU A 661 11.44 -14.87 41.39
N ASP A 662 12.43 -15.32 40.62
CA ASP A 662 12.44 -16.67 40.08
C ASP A 662 13.46 -17.59 40.73
N TYR A 663 14.56 -17.06 41.27
CA TYR A 663 15.59 -17.90 41.85
C TYR A 663 16.42 -17.06 42.82
N GLU A 664 17.25 -17.74 43.61
CA GLU A 664 18.12 -17.09 44.58
C GLU A 664 19.54 -17.61 44.44
N GLY A 665 20.51 -16.72 44.64
CA GLY A 665 21.91 -17.07 44.50
C GLY A 665 22.35 -17.10 43.04
N GLY A 666 23.15 -18.09 42.69
CA GLY A 666 23.49 -18.37 41.30
C GLY A 666 24.20 -17.26 40.56
N GLY A 667 25.28 -16.74 41.12
CA GLY A 667 26.08 -15.75 40.42
C GLY A 667 27.05 -16.37 39.42
N CYS A 668 27.80 -15.49 38.77
CA CYS A 668 28.87 -15.89 37.85
C CYS A 668 30.17 -15.32 38.39
N ARG A 669 31.17 -16.18 38.54
CA ARG A 669 32.41 -15.81 39.21
C ARG A 669 33.59 -16.00 38.28
N PHE A 670 34.45 -14.98 38.18
CA PHE A 670 35.65 -15.00 37.36
C PHE A 670 36.85 -15.06 38.29
N LEU A 671 37.44 -16.25 38.42
CA LEU A 671 38.36 -16.54 39.52
C LEU A 671 39.63 -15.69 39.44
N ARG A 672 40.19 -15.52 38.24
CA ARG A 672 41.45 -14.81 38.11
C ARG A 672 41.33 -13.32 38.40
N TYR A 673 40.11 -12.78 38.46
CA TYR A 673 39.90 -11.37 38.72
C TYR A 673 39.22 -11.12 40.06
N ASP A 674 38.87 -12.16 40.80
CA ASP A 674 38.19 -12.04 42.09
C ASP A 674 36.98 -11.12 41.96
N CYS A 675 36.20 -11.35 40.91
CA CYS A 675 35.09 -10.48 40.54
C CYS A 675 33.87 -11.33 40.27
N VAL A 676 32.71 -10.87 40.76
CA VAL A 676 31.48 -11.66 40.76
C VAL A 676 30.36 -10.83 40.15
N ILE A 677 29.62 -11.42 39.22
CA ILE A 677 28.36 -10.84 38.74
C ILE A 677 27.29 -11.37 39.69
N SER A 678 27.05 -10.61 40.77
CA SER A 678 26.17 -11.10 41.83
C SER A 678 24.71 -11.03 41.43
N SER A 679 24.31 -9.99 40.69
CA SER A 679 22.90 -9.73 40.38
C SER A 679 22.71 -9.53 38.88
N PRO A 680 22.55 -10.61 38.12
CA PRO A 680 22.30 -10.48 36.68
C PRO A 680 20.97 -9.79 36.42
N ARG A 681 20.76 -9.46 35.15
CA ARG A 681 19.56 -8.72 34.73
C ARG A 681 18.88 -9.48 33.60
N LYS A 682 17.55 -9.58 33.67
CA LYS A 682 16.81 -10.51 32.83
C LYS A 682 17.02 -10.23 31.34
N GLY A 683 17.15 -8.97 30.96
CA GLY A 683 17.34 -8.71 29.55
C GLY A 683 18.76 -8.94 29.06
N TRP A 684 19.74 -8.94 29.95
CA TRP A 684 21.10 -8.56 29.64
C TRP A 684 21.99 -9.75 29.35
N ALA A 685 23.03 -9.48 28.56
CA ALA A 685 24.01 -10.47 28.13
C ALA A 685 25.37 -10.11 28.69
N LEU A 686 26.14 -11.14 29.00
CA LEU A 686 27.56 -11.00 29.33
C LEU A 686 28.37 -11.42 28.11
N LEU A 687 29.34 -10.60 27.73
CA LEU A 687 30.33 -10.95 26.73
C LEU A 687 31.68 -11.07 27.43
N HIS A 688 32.28 -12.25 27.38
CA HIS A 688 33.58 -12.47 27.99
C HIS A 688 34.40 -13.43 27.14
N PRO A 689 35.72 -13.34 27.21
CA PRO A 689 36.57 -14.28 26.46
C PRO A 689 36.43 -15.70 27.00
N GLY A 690 36.49 -16.67 26.10
CA GLY A 690 36.24 -18.05 26.47
C GLY A 690 37.48 -18.84 26.85
N ARG A 691 38.66 -18.37 26.46
CA ARG A 691 39.88 -19.13 26.63
C ARG A 691 40.93 -18.33 27.42
N LEU A 692 41.86 -19.08 28.02
CA LEU A 692 43.07 -18.57 28.63
C LEU A 692 42.81 -17.76 29.91
N THR A 693 42.20 -16.58 29.78
CA THR A 693 42.23 -15.61 30.87
C THR A 693 41.02 -15.70 31.81
N HIS A 694 39.88 -16.20 31.36
CA HIS A 694 38.66 -16.04 32.13
C HIS A 694 38.09 -17.35 32.67
N TYR A 695 38.88 -18.06 33.47
CA TYR A 695 38.39 -19.17 34.26
C TYR A 695 37.20 -18.73 35.10
N HIS A 696 36.04 -19.32 34.86
CA HIS A 696 34.82 -18.90 35.53
C HIS A 696 34.02 -20.09 36.03
N GLU A 697 33.24 -19.85 37.08
CA GLU A 697 32.36 -20.86 37.65
C GLU A 697 31.01 -20.22 37.95
N GLY A 698 29.95 -21.00 37.75
CA GLY A 698 28.60 -20.55 38.05
C GLY A 698 28.20 -20.90 39.47
N LEU A 699 27.93 -19.87 40.27
CA LEU A 699 27.68 -20.06 41.69
C LEU A 699 26.38 -20.86 41.91
N PRO A 700 26.25 -21.51 43.07
CA PRO A 700 25.08 -22.37 43.30
C PRO A 700 23.78 -21.59 43.32
N THR A 701 22.73 -22.21 42.77
CA THR A 701 21.37 -21.67 42.84
C THR A 701 20.69 -22.27 44.07
N THR A 702 20.33 -21.41 45.02
CA THR A 702 19.90 -21.89 46.34
C THR A 702 18.40 -22.11 46.44
N TRP A 703 17.60 -21.46 45.60
CA TRP A 703 16.16 -21.71 45.59
C TRP A 703 15.60 -21.36 44.21
N GLY A 704 14.54 -22.05 43.82
CA GLY A 704 13.85 -21.72 42.59
C GLY A 704 14.50 -22.35 41.37
N THR A 705 14.42 -21.64 40.25
CA THR A 705 14.99 -22.08 38.99
C THR A 705 15.64 -20.90 38.29
N ARG A 706 16.85 -21.12 37.76
CA ARG A 706 17.60 -20.10 37.05
C ARG A 706 17.84 -20.57 35.61
N TYR A 707 17.49 -19.72 34.65
CA TYR A 707 17.68 -20.02 33.23
C TYR A 707 18.65 -19.02 32.60
N ILE A 708 19.55 -19.52 31.77
CA ILE A 708 20.45 -18.67 31.00
C ILE A 708 20.60 -19.24 29.59
N MET A 709 20.92 -18.36 28.65
CA MET A 709 21.17 -18.72 27.26
C MET A 709 22.65 -18.52 26.95
N VAL A 710 23.28 -19.56 26.41
CA VAL A 710 24.73 -19.61 26.25
C VAL A 710 25.07 -19.93 24.79
N SER A 711 26.03 -19.19 24.24
CA SER A 711 26.56 -19.44 22.91
C SER A 711 28.08 -19.36 22.96
N PHE A 712 28.75 -20.45 22.56
CA PHE A 712 30.20 -20.46 22.38
C PHE A 712 30.48 -20.06 20.94
N VAL A 713 30.72 -18.78 20.72
CA VAL A 713 30.79 -18.21 19.38
C VAL A 713 32.24 -18.11 18.93
N ASP A 714 32.44 -18.30 17.63
CA ASP A 714 33.77 -18.37 17.02
C ASP A 714 34.65 -19.39 17.73
N PRO A 715 34.29 -20.68 17.74
CA PRO A 715 35.06 -21.71 18.44
C PRO A 715 36.42 -21.96 17.79
C1 NAG B . 15.61 1.85 28.85
C2 NAG B . 15.07 1.05 30.05
C3 NAG B . 14.14 1.92 30.90
C4 NAG B . 14.81 3.23 31.26
C5 NAG B . 15.26 3.92 29.99
C6 NAG B . 15.97 5.24 30.23
C7 NAG B . 14.42 -1.31 30.27
C8 NAG B . 13.64 -2.44 29.67
N2 NAG B . 14.38 -0.15 29.60
O3 NAG B . 13.78 1.20 32.08
O4 NAG B . 13.90 4.07 31.97
O5 NAG B . 16.18 3.08 29.30
O6 NAG B . 17.31 5.03 30.64
O7 NAG B . 15.05 -1.44 31.31
C1 NAG B . 13.71 4.12 33.33
C2 NAG B . 13.11 5.41 33.86
C3 NAG B . 13.38 5.56 35.35
C4 NAG B . 12.93 4.31 36.11
C5 NAG B . 13.53 3.06 35.47
C6 NAG B . 13.02 1.78 36.09
C7 NAG B . 13.00 7.05 32.03
C8 NAG B . 13.65 8.25 31.40
N2 NAG B . 13.60 6.57 33.13
O3 NAG B . 12.72 6.71 35.85
O4 NAG B . 13.35 4.40 37.47
O5 NAG B . 13.21 3.01 34.07
O6 NAG B . 12.23 1.04 35.17
O7 NAG B . 11.98 6.55 31.57
C1' UGA C . -17.87 4.41 -25.48
C2' UGA C . -18.35 3.78 -26.77
O2' UGA C . -17.28 3.85 -27.72
C3' UGA C . -19.55 4.46 -27.38
O3' UGA C . -20.21 3.46 -28.21
C4' UGA C . -20.59 5.01 -26.44
O4' UGA C . -21.32 6.02 -27.14
C5' UGA C . -20.02 5.62 -25.17
O5' UGA C . -18.99 4.76 -24.54
C6' UGA C . -21.16 5.83 -24.22
O'P UGA C . -21.13 5.29 -23.09
O'Q UGA C . -22.12 6.56 -24.58
PB UGA C . -16.36 6.31 -24.52
O1B UGA C . -15.39 5.40 -23.81
O2B UGA C . -15.65 7.55 -25.01
O3B UGA C . -17.09 5.51 -25.77
O3A UGA C . -17.60 6.69 -23.46
PA UGA C . -17.62 7.80 -22.24
O1A UGA C . -17.16 7.14 -20.96
O2A UGA C . -16.71 8.94 -22.59
O5D UGA C . -19.18 8.36 -22.09
C5D UGA C . -19.65 9.22 -23.10
C4D UGA C . -19.97 10.59 -22.44
O4D UGA C . -21.23 10.66 -22.10
C3D UGA C . -19.21 10.72 -21.12
O3D UGA C . -17.97 11.26 -21.33
C2D UGA C . -20.08 11.69 -20.30
O2D UGA C . -19.76 13.10 -20.69
C1D UGA C . -21.31 11.40 -20.68
N1 UGA C . -21.97 10.57 -19.69
C6 UGA C . -21.81 9.26 -19.70
C2 UGA C . -22.78 11.16 -18.77
O2 UGA C . -22.93 12.34 -18.77
N3 UGA C . -23.42 10.40 -17.84
C4 UGA C . -23.26 9.08 -17.84
O4 UGA C . -23.82 8.42 -17.03
C5 UGA C . -22.44 8.50 -18.77
C1 GOL D . -23.20 12.41 -7.77
O1 GOL D . -23.74 11.34 -8.51
C2 GOL D . -21.67 12.18 -7.70
O2 GOL D . -21.27 11.14 -8.53
C3 GOL D . -21.40 11.88 -6.21
O3 GOL D . -20.85 13.05 -5.68
C1 GOL E . -0.89 2.17 -18.22
O1 GOL E . -1.30 2.21 -16.89
C2 GOL E . 0.61 2.48 -18.25
O2 GOL E . 0.93 3.57 -17.46
C3 GOL E . 1.28 1.18 -17.75
O3 GOL E . 2.57 1.52 -17.37
C1 AKG F . 28.96 -21.90 30.55
O1 AKG F . 27.82 -22.08 30.04
O2 AKG F . 29.92 -22.58 30.11
C2 AKG F . 29.10 -20.87 31.68
O5 AKG F . 30.15 -20.44 32.03
C3 AKG F . 27.85 -20.42 32.42
C4 AKG F . 28.10 -20.56 33.91
C5 AKG F . 27.17 -19.61 34.65
O3 AKG F . 27.40 -18.37 34.65
O4 AKG F . 26.16 -20.07 35.27
FE FE2 G . 31.75 -21.16 30.50
FE FE2 H . 24.95 -28.66 26.49
MN MN I . -15.23 9.36 -23.97
C1 NAG J . -5.97 32.86 -15.70
C2 NAG J . -4.44 33.04 -15.77
C3 NAG J . -3.94 33.86 -14.59
C4 NAG J . -4.69 35.19 -14.50
C5 NAG J . -6.19 34.92 -14.43
C6 NAG J . -7.01 36.19 -14.44
C7 NAG J . -3.30 31.21 -16.96
C8 NAG J . -2.62 29.89 -16.82
N2 NAG J . -3.76 31.75 -15.82
O3 NAG J . -2.54 34.10 -14.72
O4 NAG J . -4.28 35.91 -13.35
O5 NAG J . -6.61 34.14 -15.56
O6 NAG J . -8.40 35.91 -14.44
O7 NAG J . -3.45 31.77 -18.05
#